data_8ZQB
#
_entry.id   8ZQB
#
_cell.length_a   1.00
_cell.length_b   1.00
_cell.length_c   1.00
_cell.angle_alpha   90.00
_cell.angle_beta   90.00
_cell.angle_gamma   90.00
#
_symmetry.space_group_name_H-M   'P 1'
#
loop_
_entity.id
_entity.type
_entity.pdbx_description
1 polymer Cas12X
2 polymer CrRNA
#
loop_
_entity_poly.entity_id
_entity_poly.type
_entity_poly.pdbx_seq_one_letter_code
_entity_poly.pdbx_strand_id
1 'polypeptide(L)'
;HHHHHHMPSYKSSRVLVRDVPEELVDHYERSHRVAAFFMRLLLAMRREPYSLRMRDGTEREVDLDETDDFLRSAGCEEPD
AVSDDLRSFALAVLHQDNPKKRAFLESENCVSILCLEKSASGTRYYKRPGYQLLKKAIEEEWGWDKFEASLLDERTGEVA
EKFAALSMEDWRRFFAARDPDDLGRELLKTDTREGMAAALRLRERGVFPVSVPEHLDLDSLKAAMASAAERLKSWLACNQ
RAVDEKSELRKRFEEALDGVDPEKYALFEKFAAELQQADYNVTKKLVLAVSAKFPATEPSEFKRGVEILKEDGYKPLWED
FRELGFVYLAERKWERRRGGAAVTLCDADDSPIKVRFGLTGRGRKFVLSAAGSRFLITVKLPCGDVGLTAVPSRYFWNPS
VGRTTSNSFRIEFTKRTTENRRYVGEVKEIGLVRQRGRYYFFIDYNFDPEEVSDETKVGRAFFRAPLNESRPKPKDKLTV
MGIDLGINPAFAFAVCTLGECQDGIRSPVAKMEDVSFDSTGLRGGIGSQKLHREMHNLSDRCFYGARYIRLSKKLRDRGA
LNDIEARLLEEKYIPGFRIVHIEDADERRRTVGRTVKEIKQEYKRIRHQFYLRYHTSKRDRTELISAEYFRMLFLVKNLR
NLLKSWNRYHWTTGDRERRGGNPDELKSYVRYYNNLRMDTLKKLTCAIVRTAKEHGATLVAMENIQRVDRDDEVKRRKEN
SLLSLWAPGMVLERVEQELKNEGILAWEVDPRHTSQTSCITDEFGYRSLVAKDTFYFEQDRKIHRIDADVNAAINIARRF
LTRYRSLTQLWASLLDDGRYLVNVTRQHERAYLELQTGAPAATLNPTAEASYELVGLSPEEEELAQTRIKRKKREPFYRH
EGVWLTREKHREQVHELRNQVLALGNAKIPEIRT
;
A
2 'polyribonucleotide' GUGCUGCUGUCUCCCAGACGGGAGGCAGAACUGCACCUUCCAUCAGAGAACCUCACUGCG B
#
# COMPACT_ATOMS: atom_id res chain seq x y z
N MET A 7 -18.17 5.79 12.38
CA MET A 7 -17.78 6.97 13.18
C MET A 7 -16.78 6.58 14.28
N PRO A 8 -17.16 5.64 15.15
CA PRO A 8 -16.24 5.21 16.19
C PRO A 8 -15.11 4.35 15.64
N SER A 9 -14.04 4.27 16.41
CA SER A 9 -12.84 3.53 16.02
C SER A 9 -12.93 2.11 16.56
N TYR A 10 -11.82 1.36 16.44
CA TYR A 10 -11.82 -0.03 16.86
C TYR A 10 -10.42 -0.49 17.23
N LYS A 11 -10.38 -1.47 18.14
CA LYS A 11 -9.19 -2.21 18.48
C LYS A 11 -9.63 -3.62 18.83
N SER A 12 -8.68 -4.57 18.77
CA SER A 12 -9.04 -5.97 19.00
C SER A 12 -7.85 -6.85 19.33
N SER A 13 -8.06 -7.82 20.22
CA SER A 13 -7.00 -8.73 20.61
C SER A 13 -7.61 -10.11 20.85
N ARG A 14 -6.75 -11.13 20.80
CA ARG A 14 -7.17 -12.52 20.84
C ARG A 14 -6.85 -13.15 22.19
N VAL A 15 -7.72 -14.05 22.64
CA VAL A 15 -7.49 -14.87 23.82
C VAL A 15 -7.70 -16.32 23.43
N LEU A 16 -7.03 -17.21 24.15
CA LEU A 16 -6.94 -18.62 23.78
C LEU A 16 -7.76 -19.47 24.74
N VAL A 17 -8.56 -20.38 24.19
CA VAL A 17 -9.30 -21.37 24.96
C VAL A 17 -8.73 -22.74 24.57
N ARG A 18 -8.29 -23.50 25.58
CA ARG A 18 -7.45 -24.66 25.32
C ARG A 18 -8.26 -25.94 25.11
N ASP A 19 -9.02 -26.35 26.13
CA ASP A 19 -9.84 -27.56 26.06
C ASP A 19 -11.23 -27.15 25.66
N VAL A 20 -11.52 -27.18 24.36
CA VAL A 20 -12.79 -26.69 23.82
C VAL A 20 -13.75 -27.86 23.68
N PRO A 21 -15.02 -27.71 24.08
CA PRO A 21 -15.99 -28.79 23.86
C PRO A 21 -16.27 -29.01 22.38
N GLU A 22 -16.61 -30.25 22.04
CA GLU A 22 -16.87 -30.60 20.64
C GLU A 22 -18.18 -30.02 20.14
N GLU A 23 -19.11 -29.74 21.05
CA GLU A 23 -20.43 -29.23 20.65
C GLU A 23 -20.30 -27.80 20.14
N LEU A 24 -19.08 -27.26 20.15
CA LEU A 24 -18.77 -26.01 19.46
C LEU A 24 -17.81 -26.18 18.30
N VAL A 25 -16.97 -27.23 18.32
CA VAL A 25 -16.13 -27.51 17.17
C VAL A 25 -16.97 -27.93 15.97
N ASP A 26 -18.03 -28.71 16.22
CA ASP A 26 -18.96 -29.02 15.14
C ASP A 26 -19.57 -27.76 14.57
N HIS A 27 -19.95 -26.82 15.44
CA HIS A 27 -20.51 -25.55 14.97
C HIS A 27 -19.49 -24.79 14.13
N TYR A 28 -18.23 -24.77 14.56
CA TYR A 28 -17.18 -24.14 13.78
C TYR A 28 -17.13 -24.72 12.37
N GLU A 29 -17.10 -26.05 12.28
CA GLU A 29 -17.00 -26.70 10.98
C GLU A 29 -18.20 -26.38 10.10
N ARG A 30 -19.40 -26.43 10.67
CA ARG A 30 -20.60 -26.18 9.88
C ARG A 30 -20.68 -24.73 9.45
N SER A 31 -20.22 -23.80 10.30
CA SER A 31 -20.16 -22.41 9.89
C SER A 31 -19.23 -22.22 8.71
N HIS A 32 -18.06 -22.87 8.73
CA HIS A 32 -17.15 -22.78 7.59
C HIS A 32 -17.81 -23.34 6.33
N ARG A 33 -18.46 -24.50 6.44
CA ARG A 33 -19.09 -25.11 5.29
C ARG A 33 -20.13 -24.18 4.67
N VAL A 34 -21.03 -23.65 5.50
CA VAL A 34 -22.10 -22.83 4.98
C VAL A 34 -21.54 -21.53 4.43
N ALA A 35 -20.49 -20.97 5.05
CA ALA A 35 -19.88 -19.77 4.50
C ALA A 35 -19.33 -20.02 3.10
N ALA A 36 -18.62 -21.13 2.91
CA ALA A 36 -18.09 -21.45 1.59
C ALA A 36 -19.21 -21.62 0.56
N PHE A 37 -20.26 -22.36 0.93
CA PHE A 37 -21.36 -22.57 -0.01
C PHE A 37 -22.03 -21.24 -0.36
N PHE A 38 -22.23 -20.37 0.63
CA PHE A 38 -22.86 -19.09 0.37
C PHE A 38 -21.99 -18.23 -0.54
N MET A 39 -20.67 -18.25 -0.33
CA MET A 39 -19.80 -17.45 -1.19
C MET A 39 -19.87 -17.94 -2.62
N ARG A 40 -19.90 -19.26 -2.84
CA ARG A 40 -20.03 -19.77 -4.20
C ARG A 40 -21.40 -19.44 -4.79
N LEU A 41 -22.45 -19.51 -3.98
CA LEU A 41 -23.79 -19.20 -4.46
C LEU A 41 -23.85 -17.76 -4.95
N LEU A 42 -23.30 -16.83 -4.17
CA LEU A 42 -23.32 -15.42 -4.56
C LEU A 42 -22.28 -15.07 -5.61
N LEU A 43 -21.27 -15.93 -5.81
CA LEU A 43 -20.35 -15.76 -6.93
C LEU A 43 -20.87 -16.39 -8.21
N ALA A 44 -21.95 -17.16 -8.12
CA ALA A 44 -22.60 -17.72 -9.30
C ALA A 44 -23.90 -17.01 -9.68
N MET A 45 -24.54 -16.34 -8.72
CA MET A 45 -25.82 -15.69 -9.03
C MET A 45 -25.68 -14.70 -10.18
N ARG A 46 -24.50 -14.10 -10.34
CA ARG A 46 -24.17 -13.32 -11.53
C ARG A 46 -23.28 -14.21 -12.40
N ARG A 47 -23.77 -14.55 -13.59
CA ARG A 47 -23.13 -15.55 -14.43
C ARG A 47 -21.90 -15.04 -15.16
N GLU A 48 -21.37 -13.89 -14.80
CA GLU A 48 -20.10 -13.46 -15.39
C GLU A 48 -19.01 -14.41 -14.91
N PRO A 49 -18.34 -15.13 -15.81
CA PRO A 49 -17.33 -16.09 -15.35
C PRO A 49 -16.17 -15.38 -14.64
N TYR A 50 -15.30 -16.19 -14.04
CA TYR A 50 -14.14 -15.67 -13.35
C TYR A 50 -13.17 -16.83 -13.10
N SER A 51 -11.95 -16.48 -12.74
CA SER A 51 -10.95 -17.46 -12.34
C SER A 51 -11.01 -17.65 -10.83
N LEU A 52 -10.90 -18.90 -10.40
CA LEU A 52 -10.92 -19.24 -8.98
C LEU A 52 -9.66 -20.03 -8.65
N ARG A 53 -9.61 -20.55 -7.43
CA ARG A 53 -8.46 -21.33 -7.00
C ARG A 53 -8.77 -22.00 -5.67
N MET A 54 -7.90 -22.93 -5.29
CA MET A 54 -8.00 -23.63 -4.01
C MET A 54 -6.64 -23.60 -3.34
N ARG A 55 -6.46 -24.36 -2.25
CA ARG A 55 -5.16 -24.45 -1.62
C ARG A 55 -4.04 -24.77 -2.61
N ASP A 56 -4.38 -25.32 -3.77
CA ASP A 56 -3.38 -25.61 -4.79
C ASP A 56 -2.62 -24.35 -5.19
N GLY A 57 -3.36 -23.27 -5.47
CA GLY A 57 -2.78 -22.01 -5.88
C GLY A 57 -2.82 -21.74 -7.37
N THR A 58 -2.90 -22.79 -8.19
CA THR A 58 -3.07 -22.63 -9.62
C THR A 58 -4.55 -22.60 -9.95
N GLU A 59 -4.94 -21.70 -10.85
CA GLU A 59 -6.32 -21.26 -10.98
C GLU A 59 -7.00 -21.95 -12.16
N ARG A 60 -8.05 -22.73 -11.88
CA ARG A 60 -8.96 -23.22 -12.89
C ARG A 60 -9.86 -22.09 -13.38
N GLU A 61 -10.56 -22.33 -14.47
CA GLU A 61 -11.47 -21.34 -15.05
C GLU A 61 -12.84 -21.96 -15.25
N VAL A 62 -13.87 -21.22 -14.86
CA VAL A 62 -15.26 -21.68 -14.95
C VAL A 62 -15.79 -21.44 -16.36
N ASP A 63 -16.93 -22.04 -16.67
CA ASP A 63 -17.71 -21.70 -17.85
C ASP A 63 -19.15 -21.45 -17.42
N LEU A 64 -19.87 -20.67 -18.23
CA LEU A 64 -21.24 -20.31 -17.87
C LEU A 64 -22.10 -21.55 -17.64
N ASP A 65 -21.78 -22.66 -18.31
CA ASP A 65 -22.50 -23.90 -18.06
C ASP A 65 -22.30 -24.35 -16.61
N GLU A 66 -21.09 -24.19 -16.07
CA GLU A 66 -20.86 -24.56 -14.68
C GLU A 66 -21.73 -23.73 -13.75
N THR A 67 -21.84 -22.42 -14.02
CA THR A 67 -22.71 -21.58 -13.21
C THR A 67 -24.17 -22.02 -13.32
N ASP A 68 -24.61 -22.35 -14.54
CA ASP A 68 -25.98 -22.80 -14.71
C ASP A 68 -26.24 -24.05 -13.89
N ASP A 69 -25.33 -25.02 -13.96
CA ASP A 69 -25.49 -26.26 -13.19
C ASP A 69 -25.45 -25.99 -11.69
N PHE A 70 -24.60 -25.05 -11.26
CA PHE A 70 -24.55 -24.71 -9.85
C PHE A 70 -25.89 -24.18 -9.36
N LEU A 71 -26.43 -23.18 -10.06
CA LEU A 71 -27.73 -22.64 -9.67
C LEU A 71 -28.82 -23.70 -9.76
N ARG A 72 -28.71 -24.62 -10.72
CA ARG A 72 -29.65 -25.73 -10.78
C ARG A 72 -29.58 -26.56 -9.50
N SER A 73 -28.37 -26.93 -9.10
CA SER A 73 -28.19 -27.68 -7.86
C SER A 73 -28.72 -26.91 -6.67
N ALA A 74 -28.69 -25.57 -6.74
CA ALA A 74 -29.27 -24.77 -5.66
C ALA A 74 -30.75 -25.03 -5.51
N GLY A 75 -31.45 -25.21 -6.64
CA GLY A 75 -32.87 -25.49 -6.61
C GLY A 75 -33.65 -24.86 -7.74
N CYS A 76 -33.03 -23.89 -8.43
CA CYS A 76 -33.69 -23.26 -9.57
C CYS A 76 -33.77 -24.21 -10.75
N GLU A 77 -34.75 -23.98 -11.62
CA GLU A 77 -34.94 -24.80 -12.82
C GLU A 77 -34.47 -24.11 -14.09
N GLU A 78 -34.69 -22.79 -14.21
CA GLU A 78 -34.28 -22.01 -15.37
C GLU A 78 -33.57 -20.76 -14.88
N PRO A 79 -32.39 -20.91 -14.25
CA PRO A 79 -31.69 -19.73 -13.73
C PRO A 79 -31.41 -18.69 -14.79
N ASP A 80 -31.11 -19.11 -16.01
CA ASP A 80 -30.94 -18.16 -17.10
C ASP A 80 -32.23 -17.38 -17.36
N ALA A 81 -33.37 -18.08 -17.32
CA ALA A 81 -34.65 -17.42 -17.61
C ALA A 81 -34.96 -16.36 -16.58
N VAL A 82 -34.75 -16.66 -15.30
CA VAL A 82 -35.02 -15.71 -14.22
C VAL A 82 -33.73 -15.07 -13.70
N SER A 83 -32.68 -15.03 -14.54
CA SER A 83 -31.39 -14.54 -14.07
C SER A 83 -31.45 -13.07 -13.67
N ASP A 84 -32.40 -12.30 -14.20
CA ASP A 84 -32.41 -10.86 -13.95
C ASP A 84 -32.62 -10.56 -12.48
N ASP A 85 -33.69 -11.13 -11.89
CA ASP A 85 -33.98 -10.86 -10.48
C ASP A 85 -32.88 -11.42 -9.59
N LEU A 86 -32.36 -12.61 -9.91
CA LEU A 86 -31.27 -13.17 -9.13
C LEU A 86 -30.07 -12.24 -9.11
N ARG A 87 -29.68 -11.75 -10.29
CA ARG A 87 -28.53 -10.86 -10.38
C ARG A 87 -28.79 -9.56 -9.64
N SER A 88 -30.00 -9.00 -9.77
CA SER A 88 -30.30 -7.75 -9.08
C SER A 88 -30.24 -7.92 -7.57
N PHE A 89 -30.81 -9.02 -7.07
CA PHE A 89 -30.74 -9.29 -5.64
C PHE A 89 -29.29 -9.44 -5.19
N ALA A 90 -28.50 -10.19 -5.95
CA ALA A 90 -27.10 -10.40 -5.59
C ALA A 90 -26.34 -9.07 -5.56
N LEU A 91 -26.54 -8.23 -6.58
CA LEU A 91 -25.87 -6.94 -6.60
C LEU A 91 -26.29 -6.08 -5.42
N ALA A 92 -27.58 -6.04 -5.12
CA ALA A 92 -28.05 -5.26 -3.99
C ALA A 92 -27.54 -5.82 -2.66
N VAL A 93 -27.15 -7.08 -2.63
CA VAL A 93 -26.67 -7.68 -1.38
C VAL A 93 -25.20 -7.34 -1.14
N LEU A 94 -24.36 -7.45 -2.17
CA LEU A 94 -22.91 -7.40 -2.02
C LEU A 94 -22.34 -6.00 -2.26
N HIS A 95 -23.12 -4.95 -1.99
CA HIS A 95 -22.63 -3.57 -2.06
C HIS A 95 -22.12 -3.21 -3.45
N GLN A 96 -22.54 -3.94 -4.48
CA GLN A 96 -22.05 -3.66 -5.83
C GLN A 96 -22.51 -2.28 -6.30
N ASP A 97 -23.75 -1.92 -6.03
CA ASP A 97 -24.34 -0.69 -6.56
C ASP A 97 -24.06 0.49 -5.63
N ASN A 98 -24.56 1.66 -6.02
CA ASN A 98 -24.37 2.86 -5.22
C ASN A 98 -25.23 2.80 -3.95
N PRO A 99 -24.89 3.60 -2.94
CA PRO A 99 -25.57 3.46 -1.64
C PRO A 99 -27.08 3.59 -1.73
N LYS A 100 -27.59 4.52 -2.53
CA LYS A 100 -29.03 4.72 -2.57
C LYS A 100 -29.73 3.54 -3.24
N LYS A 101 -29.04 2.82 -4.12
CA LYS A 101 -29.57 1.58 -4.67
C LYS A 101 -29.32 0.39 -3.76
N ARG A 102 -28.57 0.58 -2.68
CA ARG A 102 -28.31 -0.50 -1.73
C ARG A 102 -29.61 -0.90 -1.04
N ALA A 103 -30.05 -2.13 -1.28
CA ALA A 103 -31.24 -2.64 -0.60
C ALA A 103 -30.92 -3.16 0.79
N GLU A 108 -25.17 -8.84 5.98
CA GLU A 108 -25.60 -9.96 6.81
C GLU A 108 -27.11 -10.11 6.86
N ASN A 109 -27.85 -9.11 6.37
CA ASN A 109 -29.29 -9.03 6.65
C ASN A 109 -30.14 -9.84 5.69
N CYS A 110 -29.55 -10.53 4.70
CA CYS A 110 -30.34 -11.22 3.70
C CYS A 110 -30.80 -12.60 4.15
N VAL A 111 -30.05 -13.25 5.05
CA VAL A 111 -30.32 -14.65 5.39
C VAL A 111 -31.78 -14.86 5.77
N SER A 112 -32.38 -13.89 6.46
CA SER A 112 -33.78 -14.01 6.84
C SER A 112 -34.68 -14.15 5.61
N ILE A 113 -34.23 -13.71 4.45
CA ILE A 113 -34.98 -13.91 3.23
C ILE A 113 -34.51 -15.16 2.48
N LEU A 114 -33.25 -15.57 2.67
CA LEU A 114 -32.69 -16.67 1.90
C LEU A 114 -33.09 -18.02 2.50
N CYS A 115 -32.70 -18.28 3.75
CA CYS A 115 -32.83 -19.61 4.32
C CYS A 115 -34.19 -19.87 4.93
N LEU A 116 -35.10 -18.90 4.90
CA LEU A 116 -36.44 -19.12 5.41
C LEU A 116 -37.16 -20.15 4.56
N GLU A 117 -38.02 -20.96 5.20
CA GLU A 117 -38.88 -21.90 4.54
C GLU A 117 -40.36 -21.55 4.70
N LYS A 118 -40.81 -21.36 5.93
CA LYS A 118 -42.19 -20.97 6.18
C LYS A 118 -42.35 -19.47 6.07
N THR A 192 -38.93 1.11 -1.54
CA THR A 192 -38.50 -0.21 -1.96
C THR A 192 -37.25 -0.12 -2.84
N ARG A 193 -36.30 -1.03 -2.59
CA ARG A 193 -35.11 -1.15 -3.39
C ARG A 193 -35.14 -2.47 -4.14
N GLU A 194 -34.61 -2.45 -5.36
CA GLU A 194 -34.83 -3.56 -6.28
C GLU A 194 -34.33 -4.89 -5.74
N GLY A 195 -33.39 -4.87 -4.79
CA GLY A 195 -32.89 -6.12 -4.25
C GLY A 195 -33.97 -6.90 -3.51
N MET A 196 -34.66 -6.24 -2.58
CA MET A 196 -35.65 -6.95 -1.77
C MET A 196 -36.89 -7.29 -2.58
N ALA A 197 -37.31 -6.41 -3.48
CA ALA A 197 -38.41 -6.73 -4.38
C ALA A 197 -38.07 -7.91 -5.27
N ALA A 198 -36.83 -7.95 -5.78
CA ALA A 198 -36.39 -9.07 -6.59
C ALA A 198 -36.37 -10.36 -5.78
N ALA A 199 -35.94 -10.29 -4.52
CA ALA A 199 -35.96 -11.48 -3.67
C ALA A 199 -37.38 -11.97 -3.47
N LEU A 200 -38.31 -11.05 -3.19
CA LEU A 200 -39.71 -11.45 -3.02
C LEU A 200 -40.26 -12.08 -4.29
N ARG A 201 -39.91 -11.51 -5.45
CA ARG A 201 -40.33 -12.11 -6.72
C ARG A 201 -39.75 -13.51 -6.87
N LEU A 202 -38.44 -13.64 -6.67
CA LEU A 202 -37.79 -14.94 -6.81
C LEU A 202 -38.41 -15.98 -5.90
N ARG A 203 -38.91 -15.56 -4.74
CA ARG A 203 -39.56 -16.51 -3.84
C ARG A 203 -40.96 -16.85 -4.34
N GLU A 204 -41.82 -15.83 -4.49
CA GLU A 204 -43.17 -16.08 -5.00
C GLU A 204 -43.13 -16.64 -6.41
N ARG A 205 -42.07 -16.34 -7.17
CA ARG A 205 -41.86 -16.99 -8.46
C ARG A 205 -41.57 -18.47 -8.31
N GLY A 206 -41.25 -18.93 -7.10
CA GLY A 206 -40.94 -20.33 -6.87
C GLY A 206 -39.50 -20.71 -7.11
N VAL A 207 -38.57 -19.75 -7.03
CA VAL A 207 -37.18 -19.99 -7.37
C VAL A 207 -36.26 -19.76 -6.18
N PHE A 208 -36.52 -18.73 -5.38
CA PHE A 208 -35.54 -18.22 -4.41
C PHE A 208 -35.01 -19.28 -3.47
N PRO A 209 -35.85 -19.91 -2.63
CA PRO A 209 -35.31 -20.73 -1.53
C PRO A 209 -34.29 -21.76 -1.98
N VAL A 210 -33.04 -21.58 -1.58
CA VAL A 210 -31.97 -22.49 -1.94
C VAL A 210 -31.86 -23.57 -0.87
N SER A 211 -31.19 -24.66 -1.22
CA SER A 211 -31.00 -25.80 -0.32
C SER A 211 -29.67 -25.65 0.41
N VAL A 212 -29.73 -25.40 1.71
CA VAL A 212 -28.51 -25.25 2.51
C VAL A 212 -27.84 -26.61 2.66
N PRO A 213 -26.55 -26.75 2.33
CA PRO A 213 -25.93 -28.08 2.42
C PRO A 213 -25.98 -28.69 3.81
N GLU A 214 -25.83 -27.89 4.86
CA GLU A 214 -25.75 -28.40 6.22
C GLU A 214 -26.76 -27.70 7.11
N HIS A 215 -27.29 -28.43 8.08
CA HIS A 215 -28.27 -27.89 9.01
C HIS A 215 -27.58 -27.01 10.04
N LEU A 216 -28.15 -25.84 10.28
CA LEU A 216 -27.63 -24.90 11.28
C LEU A 216 -28.75 -23.95 11.68
N ASP A 217 -28.49 -23.18 12.73
CA ASP A 217 -29.44 -22.20 13.21
C ASP A 217 -29.31 -20.89 12.43
N LEU A 218 -30.36 -20.08 12.49
CA LEU A 218 -30.44 -18.91 11.62
C LEU A 218 -29.33 -17.91 11.93
N ASP A 219 -28.99 -17.73 13.21
CA ASP A 219 -27.96 -16.76 13.58
C ASP A 219 -26.60 -17.17 13.05
N SER A 220 -26.26 -18.45 13.14
CA SER A 220 -25.00 -18.91 12.56
C SER A 220 -25.00 -18.72 11.05
N LEU A 221 -26.15 -18.93 10.41
CA LEU A 221 -26.25 -18.65 8.98
C LEU A 221 -25.98 -17.18 8.71
N LYS A 222 -26.50 -16.30 9.56
CA LYS A 222 -26.25 -14.87 9.40
C LYS A 222 -24.77 -14.57 9.51
N ALA A 223 -24.09 -15.15 10.51
CA ALA A 223 -22.67 -14.88 10.69
C ALA A 223 -21.86 -15.38 9.51
N ALA A 224 -22.16 -16.60 9.04
CA ALA A 224 -21.42 -17.15 7.91
C ALA A 224 -21.65 -16.33 6.65
N MET A 225 -22.90 -15.90 6.42
CA MET A 225 -23.18 -15.02 5.29
C MET A 225 -22.41 -13.71 5.43
N ALA A 226 -22.33 -13.18 6.66
CA ALA A 226 -21.55 -11.97 6.87
C ALA A 226 -20.11 -12.14 6.42
N SER A 227 -19.47 -13.22 6.88
CA SER A 227 -18.07 -13.44 6.52
C SER A 227 -17.92 -13.62 5.01
N ALA A 228 -18.72 -14.50 4.42
CA ALA A 228 -18.60 -14.77 2.99
C ALA A 228 -18.88 -13.53 2.17
N ALA A 229 -19.90 -12.75 2.56
CA ALA A 229 -20.25 -11.55 1.83
C ALA A 229 -19.17 -10.49 1.95
N GLU A 230 -18.52 -10.40 3.11
CA GLU A 230 -17.41 -9.47 3.24
C GLU A 230 -16.28 -9.85 2.29
N ARG A 231 -15.95 -11.14 2.23
CA ARG A 231 -14.88 -11.54 1.33
C ARG A 231 -15.26 -11.31 -0.13
N LEU A 232 -16.52 -11.59 -0.49
CA LEU A 232 -16.97 -11.31 -1.85
C LEU A 232 -17.00 -9.82 -2.13
N LYS A 233 -17.26 -9.00 -1.11
CA LYS A 233 -17.21 -7.55 -1.26
C LYS A 233 -15.79 -7.11 -1.63
N SER A 234 -14.80 -7.67 -0.91
CA SER A 234 -13.42 -7.42 -1.29
C SER A 234 -13.16 -7.88 -2.73
N TRP A 235 -13.69 -9.04 -3.10
CA TRP A 235 -13.43 -9.56 -4.44
C TRP A 235 -14.02 -8.65 -5.51
N LEU A 236 -15.26 -8.22 -5.32
CA LEU A 236 -15.91 -7.38 -6.33
C LEU A 236 -15.24 -6.02 -6.42
N ALA A 237 -14.80 -5.47 -5.29
CA ALA A 237 -14.01 -4.24 -5.35
C ALA A 237 -12.76 -4.45 -6.18
N CYS A 238 -12.03 -5.55 -5.93
CA CYS A 238 -10.81 -5.80 -6.67
C CYS A 238 -11.10 -6.07 -8.15
N ASN A 239 -12.25 -6.67 -8.46
CA ASN A 239 -12.61 -6.95 -9.84
C ASN A 239 -12.92 -5.65 -10.59
N GLN A 240 -13.66 -4.75 -9.94
CA GLN A 240 -13.86 -3.43 -10.53
C GLN A 240 -12.52 -2.74 -10.75
N ARG A 241 -11.59 -2.90 -9.81
CA ARG A 241 -10.27 -2.31 -9.98
C ARG A 241 -9.54 -2.87 -11.19
N ALA A 242 -9.60 -4.19 -11.36
CA ALA A 242 -8.95 -4.80 -12.52
C ALA A 242 -9.61 -4.35 -13.82
N VAL A 243 -10.93 -4.22 -13.82
CA VAL A 243 -11.63 -3.69 -14.99
C VAL A 243 -11.12 -2.29 -15.31
N ASP A 244 -10.95 -1.46 -14.28
CA ASP A 244 -10.44 -0.11 -14.50
C ASP A 244 -9.03 -0.15 -15.07
N GLU A 245 -8.19 -1.04 -14.55
CA GLU A 245 -6.81 -1.13 -15.03
C GLU A 245 -6.78 -1.51 -16.51
N LYS A 246 -7.58 -2.50 -16.90
CA LYS A 246 -7.59 -2.91 -18.30
C LYS A 246 -8.16 -1.81 -19.18
N SER A 247 -9.20 -1.10 -18.71
CA SER A 247 -9.74 0.01 -19.49
C SER A 247 -8.68 1.09 -19.69
N GLU A 248 -7.93 1.41 -18.64
CA GLU A 248 -6.87 2.40 -18.77
C GLU A 248 -5.81 1.95 -19.76
N LEU A 249 -5.43 0.68 -19.70
CA LEU A 249 -4.44 0.16 -20.64
C LEU A 249 -4.95 0.29 -22.07
N ARG A 250 -6.22 -0.08 -22.30
CA ARG A 250 -6.79 0.02 -23.64
C ARG A 250 -6.79 1.46 -24.13
N LYS A 251 -7.19 2.39 -23.27
CA LYS A 251 -7.23 3.79 -23.69
C LYS A 251 -5.83 4.32 -23.99
N ARG A 252 -4.85 3.95 -23.17
CA ARG A 252 -3.49 4.41 -23.42
C ARG A 252 -2.95 3.84 -24.73
N PHE A 253 -3.31 2.60 -25.06
CA PHE A 253 -2.91 2.04 -26.35
C PHE A 253 -3.63 2.73 -27.49
N GLU A 254 -4.92 3.02 -27.33
CA GLU A 254 -5.67 3.69 -28.38
C GLU A 254 -5.09 5.06 -28.68
N GLU A 255 -4.74 5.81 -27.64
CA GLU A 255 -4.11 7.10 -27.85
C GLU A 255 -2.77 6.97 -28.56
N ALA A 256 -2.16 5.79 -28.54
CA ALA A 256 -0.92 5.58 -29.27
C ALA A 256 -1.19 5.25 -30.74
N LEU A 257 -2.06 4.27 -30.99
CA LEU A 257 -2.37 3.91 -32.38
C LEU A 257 -3.10 5.03 -33.09
N ASP A 258 -4.17 5.55 -32.49
CA ASP A 258 -4.99 6.63 -33.02
C ASP A 258 -5.30 6.43 -34.51
N GLY A 259 -5.34 5.18 -34.96
CA GLY A 259 -5.73 4.89 -36.33
C GLY A 259 -4.68 5.22 -37.37
N VAL A 260 -3.44 5.46 -36.97
CA VAL A 260 -2.40 5.82 -37.94
C VAL A 260 -1.97 4.58 -38.71
N ASP A 261 -1.92 4.72 -40.04
CA ASP A 261 -1.39 3.73 -40.98
C ASP A 261 -1.62 2.30 -40.50
N PRO A 262 -2.88 1.87 -40.33
CA PRO A 262 -3.12 0.52 -39.78
C PRO A 262 -2.43 -0.59 -40.56
N GLU A 263 -2.39 -0.49 -41.89
CA GLU A 263 -1.70 -1.50 -42.67
C GLU A 263 -0.22 -1.55 -42.33
N LYS A 264 0.42 -0.37 -42.21
CA LYS A 264 1.82 -0.35 -41.82
C LYS A 264 1.98 -0.80 -40.38
N TYR A 265 0.95 -0.64 -39.54
CA TYR A 265 1.00 -1.21 -38.20
C TYR A 265 1.03 -2.73 -38.27
N ALA A 266 0.22 -3.32 -39.15
CA ALA A 266 0.27 -4.76 -39.35
C ALA A 266 1.65 -5.18 -39.86
N LEU A 267 2.25 -4.35 -40.72
CA LEU A 267 3.60 -4.63 -41.18
C LEU A 267 4.59 -4.60 -40.02
N PHE A 268 4.42 -3.65 -39.11
CA PHE A 268 5.28 -3.61 -37.92
C PHE A 268 5.04 -4.83 -37.03
N GLU A 269 3.81 -5.33 -36.99
CA GLU A 269 3.56 -6.59 -36.29
C GLU A 269 4.26 -7.76 -36.96
N LYS A 270 4.31 -7.74 -38.30
CA LYS A 270 5.08 -8.76 -38.99
C LYS A 270 6.56 -8.66 -38.67
N PHE A 271 7.07 -7.44 -38.52
CA PHE A 271 8.42 -7.24 -38.01
C PHE A 271 8.57 -7.84 -36.62
N ALA A 272 7.59 -7.58 -35.75
CA ALA A 272 7.58 -8.20 -34.43
C ALA A 272 7.59 -9.71 -34.54
N ALA A 273 7.06 -10.26 -35.63
CA ALA A 273 7.08 -11.70 -35.81
C ALA A 273 8.51 -12.24 -35.80
N GLU A 274 9.41 -11.55 -36.51
CA GLU A 274 10.83 -11.93 -36.45
C GLU A 274 11.45 -11.55 -35.11
N LEU A 275 11.09 -10.38 -34.59
CA LEU A 275 11.68 -9.95 -33.31
C LEU A 275 11.43 -10.98 -32.22
N GLN A 276 10.19 -11.46 -32.10
CA GLN A 276 9.84 -12.51 -31.17
C GLN A 276 10.39 -13.87 -31.58
N GLN A 277 11.11 -13.93 -32.69
CA GLN A 277 11.73 -15.17 -33.15
C GLN A 277 13.22 -15.04 -33.43
N ALA A 278 13.74 -13.83 -33.62
CA ALA A 278 15.16 -13.64 -33.90
C ALA A 278 15.95 -13.34 -32.63
N LYS A 284 10.61 -1.96 -24.42
CA LYS A 284 10.71 -0.56 -24.82
C LYS A 284 12.16 -0.15 -24.95
N LYS A 285 13.02 -0.71 -24.10
CA LYS A 285 14.42 -0.31 -24.14
C LYS A 285 14.99 -0.38 -25.55
N LEU A 286 14.50 -1.30 -26.38
CA LEU A 286 14.90 -1.31 -27.79
C LEU A 286 14.39 -0.05 -28.49
N VAL A 287 13.14 0.34 -28.23
CA VAL A 287 12.59 1.53 -28.86
C VAL A 287 13.40 2.75 -28.46
N LEU A 288 13.91 2.79 -27.23
CA LEU A 288 14.80 3.88 -26.84
C LEU A 288 16.17 3.75 -27.49
N ALA A 289 16.67 2.52 -27.63
CA ALA A 289 17.94 2.29 -28.30
C ALA A 289 17.91 2.76 -29.73
N VAL A 290 16.73 2.81 -30.34
CA VAL A 290 16.58 3.41 -31.68
C VAL A 290 16.36 4.90 -31.43
N SER A 291 17.47 5.62 -31.27
CA SER A 291 17.44 7.04 -30.99
C SER A 291 17.66 7.90 -32.23
N ALA A 292 18.35 7.37 -33.24
CA ALA A 292 18.58 8.07 -34.49
C ALA A 292 18.18 7.16 -35.63
N LYS A 293 17.76 7.79 -36.74
CA LYS A 293 17.31 7.04 -37.92
C LYS A 293 18.52 6.60 -38.75
N PHE A 294 19.42 5.88 -38.10
CA PHE A 294 20.64 5.40 -38.74
C PHE A 294 20.30 4.46 -39.89
N LYS A 303 23.01 -7.61 -32.30
CA LYS A 303 22.45 -6.36 -32.83
C LYS A 303 21.39 -6.64 -33.90
N ARG A 304 21.10 -7.91 -34.13
CA ARG A 304 20.14 -8.26 -35.18
C ARG A 304 18.81 -7.56 -34.96
N GLY A 305 18.43 -7.31 -33.72
CA GLY A 305 17.23 -6.53 -33.47
C GLY A 305 17.29 -5.16 -34.11
N VAL A 306 18.46 -4.52 -34.06
CA VAL A 306 18.64 -3.20 -34.66
C VAL A 306 19.20 -3.26 -36.07
N GLU A 307 19.67 -4.43 -36.52
CA GLU A 307 20.19 -4.57 -37.88
C GLU A 307 19.11 -4.96 -38.88
N ILE A 308 18.15 -5.80 -38.46
CA ILE A 308 17.13 -6.27 -39.38
C ILE A 308 16.26 -5.13 -39.87
N LEU A 309 15.94 -4.18 -38.98
CA LEU A 309 15.05 -3.09 -39.36
C LEU A 309 15.63 -2.27 -40.50
N LYS A 310 16.96 -2.10 -40.54
CA LYS A 310 17.57 -1.38 -41.64
C LYS A 310 17.36 -2.09 -42.97
N GLU A 311 17.39 -3.42 -42.96
CA GLU A 311 17.31 -4.19 -44.20
C GLU A 311 15.94 -4.01 -44.84
N ASP A 312 15.88 -4.35 -46.13
CA ASP A 312 14.67 -4.12 -46.91
C ASP A 312 13.48 -4.93 -46.38
N GLY A 313 13.75 -5.97 -45.58
CA GLY A 313 12.66 -6.77 -45.07
C GLY A 313 11.62 -5.96 -44.31
N TYR A 314 12.06 -4.89 -43.65
CA TYR A 314 11.15 -3.99 -42.95
C TYR A 314 11.52 -2.53 -43.15
N LYS A 315 12.40 -2.25 -44.11
CA LYS A 315 12.68 -0.86 -44.50
C LYS A 315 11.45 -0.09 -44.95
N PRO A 316 10.51 -0.68 -45.71
CA PRO A 316 9.54 0.13 -46.46
C PRO A 316 8.79 1.20 -45.68
N LEU A 317 8.91 1.26 -44.35
CA LEU A 317 8.29 2.35 -43.61
C LEU A 317 9.31 3.29 -42.98
N TRP A 318 10.15 2.81 -42.08
CA TRP A 318 11.28 3.59 -41.57
C TRP A 318 10.87 4.95 -41.03
N GLU A 319 9.56 5.20 -40.88
CA GLU A 319 9.08 6.56 -40.72
C GLU A 319 9.71 7.26 -39.52
N ASP A 320 9.42 6.77 -38.32
CA ASP A 320 10.00 7.33 -37.11
C ASP A 320 9.74 6.36 -35.97
N PHE A 321 10.79 6.02 -35.22
CA PHE A 321 10.73 4.99 -34.21
C PHE A 321 10.19 5.50 -32.87
N ARG A 322 9.54 6.67 -32.87
CA ARG A 322 8.73 7.08 -31.73
C ARG A 322 7.27 6.66 -31.95
N GLU A 323 6.67 7.12 -33.05
CA GLU A 323 5.38 6.58 -33.45
C GLU A 323 5.49 5.09 -33.74
N LEU A 324 6.58 4.68 -34.38
CA LEU A 324 6.83 3.27 -34.70
C LEU A 324 7.51 2.64 -33.49
N GLY A 325 6.74 1.92 -32.68
CA GLY A 325 7.27 1.21 -31.54
C GLY A 325 6.51 1.50 -30.27
N PHE A 326 6.13 2.75 -30.05
CA PHE A 326 5.26 3.06 -28.91
C PHE A 326 3.91 2.39 -29.06
N VAL A 327 3.37 2.39 -30.27
CA VAL A 327 2.08 1.74 -30.52
C VAL A 327 2.20 0.24 -30.24
N TYR A 328 3.29 -0.37 -30.71
CA TYR A 328 3.50 -1.80 -30.47
C TYR A 328 3.63 -2.08 -28.98
N LEU A 329 4.36 -1.25 -28.26
CA LEU A 329 4.54 -1.45 -26.83
C LEU A 329 3.21 -1.34 -26.10
N ALA A 330 2.40 -0.34 -26.44
CA ALA A 330 1.12 -0.18 -25.77
C ALA A 330 0.18 -1.33 -26.10
N GLU A 331 0.18 -1.79 -27.36
CA GLU A 331 -0.63 -2.96 -27.70
C GLU A 331 -0.18 -4.17 -26.90
N ARG A 332 1.13 -4.36 -26.77
CA ARG A 332 1.64 -5.49 -26.01
C ARG A 332 1.22 -5.40 -24.55
N LYS A 333 1.30 -4.21 -23.95
CA LYS A 333 0.90 -4.04 -22.56
C LYS A 333 -0.59 -4.33 -22.39
N TRP A 334 -1.43 -3.82 -23.29
CA TRP A 334 -2.85 -4.13 -23.21
C TRP A 334 -3.10 -5.62 -23.41
N GLU A 335 -2.27 -6.28 -24.21
CA GLU A 335 -2.41 -7.71 -24.42
C GLU A 335 -2.09 -8.49 -23.15
N ARG A 336 -1.02 -8.10 -22.46
CA ARG A 336 -0.55 -8.82 -21.27
C ARG A 336 -1.01 -8.08 -20.03
N ARG A 337 -2.22 -8.39 -19.59
CA ARG A 337 -2.72 -7.90 -18.31
C ARG A 337 -3.88 -8.77 -17.86
N ARG A 338 -3.93 -9.05 -16.56
CA ARG A 338 -5.05 -9.78 -15.98
C ARG A 338 -6.23 -8.83 -15.82
N GLY A 339 -7.36 -9.18 -16.42
CA GLY A 339 -8.53 -8.32 -16.41
C GLY A 339 -9.52 -8.57 -15.31
N GLY A 340 -9.39 -9.68 -14.59
CA GLY A 340 -10.33 -10.02 -13.54
C GLY A 340 -9.61 -10.32 -12.24
N ALA A 341 -10.36 -10.14 -11.15
CA ALA A 341 -9.86 -10.42 -9.81
C ALA A 341 -10.27 -11.83 -9.40
N ALA A 342 -9.28 -12.67 -9.12
CA ALA A 342 -9.56 -14.06 -8.79
C ALA A 342 -10.23 -14.14 -7.42
N VAL A 343 -10.55 -15.37 -7.01
CA VAL A 343 -11.19 -15.62 -5.73
C VAL A 343 -10.50 -16.80 -5.07
N THR A 344 -10.49 -16.78 -3.73
CA THR A 344 -10.10 -17.92 -2.92
C THR A 344 -11.27 -18.33 -2.06
N LEU A 345 -11.59 -19.62 -2.06
CA LEU A 345 -12.68 -20.11 -1.25
C LEU A 345 -12.27 -20.14 0.22
N CYS A 346 -13.26 -20.23 1.11
CA CYS A 346 -13.02 -20.22 2.54
C CYS A 346 -12.96 -21.66 3.04
N ASP A 347 -11.81 -22.04 3.59
CA ASP A 347 -11.56 -23.42 4.02
C ASP A 347 -11.06 -23.39 5.46
N ALA A 348 -11.64 -24.25 6.30
CA ALA A 348 -11.31 -24.20 7.73
C ALA A 348 -9.81 -24.31 7.96
N ASP A 349 -9.16 -25.27 7.30
CA ASP A 349 -7.74 -25.51 7.51
C ASP A 349 -6.84 -24.81 6.50
N ASP A 350 -7.41 -24.10 5.51
CA ASP A 350 -6.58 -23.47 4.50
C ASP A 350 -6.93 -21.99 4.31
N SER A 351 -8.22 -21.64 4.40
CA SER A 351 -8.66 -20.26 4.26
C SER A 351 -9.65 -19.95 5.38
N PRO A 352 -9.18 -19.88 6.62
CA PRO A 352 -10.09 -19.77 7.76
C PRO A 352 -10.82 -18.44 7.76
N ILE A 353 -11.95 -18.44 8.48
CA ILE A 353 -12.72 -17.22 8.73
C ILE A 353 -13.10 -17.19 10.20
N LYS A 354 -13.49 -16.01 10.66
CA LYS A 354 -13.87 -15.80 12.05
C LYS A 354 -15.33 -16.16 12.27
N VAL A 355 -15.58 -16.95 13.31
CA VAL A 355 -16.93 -17.33 13.71
C VAL A 355 -17.34 -16.34 14.78
N ARG A 356 -18.22 -15.41 14.43
CA ARG A 356 -18.47 -14.25 15.25
C ARG A 356 -19.65 -14.48 16.19
N PHE A 357 -19.60 -13.79 17.33
CA PHE A 357 -20.66 -13.81 18.32
C PHE A 357 -20.82 -12.40 18.88
N GLY A 358 -22.00 -12.12 19.42
CA GLY A 358 -22.27 -10.79 19.96
C GLY A 358 -23.71 -10.69 20.40
N LEU A 359 -23.96 -9.69 21.25
CA LEU A 359 -25.30 -9.46 21.76
C LEU A 359 -26.26 -8.94 20.70
N THR A 360 -25.74 -8.42 19.59
CA THR A 360 -26.56 -7.78 18.57
C THR A 360 -27.30 -8.75 17.67
N GLY A 361 -27.29 -10.05 18.00
CA GLY A 361 -27.96 -11.03 17.19
C GLY A 361 -27.21 -11.49 15.97
N ARG A 362 -26.00 -10.96 15.75
CA ARG A 362 -25.17 -11.39 14.62
C ARG A 362 -24.40 -12.64 15.02
N GLY A 363 -25.16 -13.70 15.25
CA GLY A 363 -24.66 -14.93 15.83
C GLY A 363 -25.27 -15.20 17.19
N ARG A 364 -24.86 -16.32 17.77
CA ARG A 364 -25.36 -16.69 19.08
C ARG A 364 -24.90 -15.68 20.13
N LYS A 365 -25.70 -15.53 21.18
CA LYS A 365 -25.39 -14.56 22.22
C LYS A 365 -24.15 -14.98 22.99
N PHE A 366 -23.77 -14.16 23.96
CA PHE A 366 -22.57 -14.43 24.75
C PHE A 366 -22.70 -13.75 26.10
N VAL A 367 -21.93 -14.27 27.07
CA VAL A 367 -21.75 -13.64 28.37
C VAL A 367 -20.26 -13.70 28.70
N LEU A 368 -19.69 -12.56 29.04
CA LEU A 368 -18.27 -12.46 29.36
C LEU A 368 -18.11 -12.18 30.85
N SER A 369 -17.34 -13.03 31.52
CA SER A 369 -17.06 -12.89 32.94
C SER A 369 -15.56 -13.03 33.16
N ALA A 370 -15.08 -12.41 34.24
CA ALA A 370 -13.67 -12.38 34.55
C ALA A 370 -13.45 -12.76 36.01
N ALA A 371 -12.39 -13.50 36.27
CA ALA A 371 -12.03 -13.91 37.62
C ALA A 371 -10.64 -14.53 37.60
N GLY A 372 -9.89 -14.28 38.66
CA GLY A 372 -8.55 -14.83 38.75
C GLY A 372 -7.62 -14.34 37.66
N SER A 373 -7.82 -13.12 37.17
CA SER A 373 -6.96 -12.49 36.18
C SER A 373 -7.13 -13.08 34.78
N ARG A 374 -8.22 -13.80 34.53
CA ARG A 374 -8.47 -14.39 33.23
C ARG A 374 -9.94 -14.26 32.89
N PHE A 375 -10.25 -14.21 31.60
CA PHE A 375 -11.63 -14.16 31.15
C PHE A 375 -12.24 -15.55 31.15
N LEU A 376 -13.55 -15.60 31.32
CA LEU A 376 -14.33 -16.82 31.17
C LEU A 376 -15.50 -16.52 30.24
N ILE A 377 -15.69 -17.38 29.24
CA ILE A 377 -16.61 -17.13 28.13
C ILE A 377 -17.69 -18.20 28.14
N THR A 378 -18.94 -17.77 28.08
CA THR A 378 -20.09 -18.67 27.97
C THR A 378 -20.95 -18.22 26.79
N VAL A 379 -21.24 -19.15 25.89
CA VAL A 379 -21.93 -18.85 24.64
C VAL A 379 -23.18 -19.70 24.56
N LYS A 380 -24.32 -19.06 24.30
CA LYS A 380 -25.63 -19.71 24.37
C LYS A 380 -25.97 -20.33 23.02
N LEU A 381 -25.43 -21.53 22.79
CA LEU A 381 -25.77 -22.29 21.60
C LEU A 381 -27.19 -22.81 21.69
N PRO A 382 -27.78 -23.22 20.57
CA PRO A 382 -29.10 -23.87 20.63
C PRO A 382 -29.09 -25.14 21.47
N CYS A 383 -27.93 -25.79 21.61
CA CYS A 383 -27.81 -26.99 22.44
C CYS A 383 -27.53 -26.66 23.90
N GLY A 384 -27.43 -25.39 24.26
CA GLY A 384 -27.18 -25.00 25.64
C GLY A 384 -26.10 -23.95 25.78
N ASP A 385 -25.05 -24.27 26.53
CA ASP A 385 -23.96 -23.34 26.77
C ASP A 385 -22.68 -24.14 26.98
N VAL A 386 -21.59 -23.42 27.21
CA VAL A 386 -20.28 -24.05 27.42
C VAL A 386 -19.42 -23.11 28.25
N GLY A 387 -18.56 -23.69 29.08
CA GLY A 387 -17.61 -22.93 29.86
C GLY A 387 -16.21 -23.09 29.30
N LEU A 388 -15.61 -21.98 28.91
CA LEU A 388 -14.30 -21.97 28.27
C LEU A 388 -13.39 -21.04 29.05
N THR A 389 -12.18 -21.53 29.36
CA THR A 389 -11.26 -20.85 30.26
C THR A 389 -10.24 -20.08 29.44
N ALA A 390 -10.63 -18.89 29.00
CA ALA A 390 -9.72 -18.03 28.26
C ALA A 390 -8.45 -17.84 29.08
N VAL A 391 -7.33 -18.36 28.55
CA VAL A 391 -6.07 -18.27 29.29
C VAL A 391 -5.76 -16.81 29.57
N PRO A 392 -5.26 -16.45 30.76
CA PRO A 392 -5.00 -15.03 31.03
C PRO A 392 -4.03 -14.45 30.03
N SER A 393 -4.29 -13.20 29.64
CA SER A 393 -3.56 -12.55 28.56
C SER A 393 -2.92 -11.26 29.08
N ARG A 394 -1.67 -11.02 28.70
CA ARG A 394 -1.01 -9.79 29.13
C ARG A 394 -1.70 -8.56 28.55
N TYR A 395 -2.34 -8.67 27.40
CA TYR A 395 -3.09 -7.53 26.90
C TYR A 395 -4.24 -7.22 27.85
N PHE A 396 -4.64 -8.20 28.65
CA PHE A 396 -5.73 -8.03 29.60
C PHE A 396 -5.27 -8.46 30.99
N TRP A 397 -4.13 -7.91 31.41
CA TRP A 397 -3.45 -8.39 32.61
C TRP A 397 -4.41 -8.58 33.78
N ASN A 398 -5.04 -7.50 34.23
CA ASN A 398 -5.92 -7.52 35.39
C ASN A 398 -7.26 -6.96 34.96
N PRO A 399 -8.01 -7.71 34.16
CA PRO A 399 -9.16 -7.14 33.48
C PRO A 399 -10.43 -7.16 34.31
N SER A 400 -11.52 -6.71 33.70
CA SER A 400 -12.85 -6.80 34.30
C SER A 400 -13.85 -6.59 33.18
N VAL A 401 -15.09 -7.00 33.43
CA VAL A 401 -16.16 -6.87 32.45
C VAL A 401 -17.41 -6.35 33.14
N GLY A 402 -18.30 -5.78 32.35
CA GLY A 402 -19.52 -5.20 32.90
C GLY A 402 -20.58 -4.96 31.85
N ARG A 403 -21.82 -5.35 32.16
CA ARG A 403 -22.94 -5.08 31.28
C ARG A 403 -23.26 -3.59 31.28
N THR A 404 -23.90 -3.14 30.20
CA THR A 404 -24.24 -1.74 30.04
C THR A 404 -25.65 -1.63 29.48
N THR A 405 -26.26 -0.46 29.71
CA THR A 405 -27.58 -0.19 29.16
C THR A 405 -27.54 -0.13 27.63
N SER A 406 -26.37 0.04 27.04
CA SER A 406 -26.21 0.06 25.59
C SER A 406 -26.13 -1.32 24.98
N ASN A 407 -26.51 -2.37 25.71
CA ASN A 407 -26.45 -3.74 25.22
C ASN A 407 -25.03 -4.11 24.79
N SER A 408 -24.05 -3.65 25.56
CA SER A 408 -22.65 -3.91 25.28
C SER A 408 -21.94 -4.24 26.57
N PHE A 409 -20.85 -4.99 26.45
CA PHE A 409 -20.08 -5.47 27.60
C PHE A 409 -18.89 -4.55 27.81
N ARG A 410 -19.03 -3.62 28.76
CA ARG A 410 -17.91 -2.75 29.11
C ARG A 410 -16.85 -3.55 29.86
N ILE A 411 -15.59 -3.31 29.51
CA ILE A 411 -14.45 -3.97 30.14
C ILE A 411 -13.42 -2.91 30.50
N GLU A 412 -12.33 -3.36 31.13
CA GLU A 412 -11.23 -2.49 31.50
C GLU A 412 -10.03 -3.36 31.80
N PHE A 413 -8.85 -2.96 31.32
CA PHE A 413 -7.68 -3.82 31.37
C PHE A 413 -6.43 -2.95 31.36
N THR A 414 -5.30 -3.59 31.70
CA THR A 414 -4.00 -2.95 31.75
C THR A 414 -3.07 -3.65 30.76
N LYS A 415 -2.48 -2.87 29.86
CA LYS A 415 -1.68 -3.41 28.77
C LYS A 415 -0.21 -3.37 29.18
N ARG A 416 0.44 -4.52 29.13
CA ARG A 416 1.85 -4.61 29.49
C ARG A 416 2.68 -3.88 28.44
N THR A 417 3.46 -2.90 28.89
CA THR A 417 4.29 -2.08 28.01
C THR A 417 5.54 -1.69 28.81
N THR A 418 6.23 -0.65 28.36
CA THR A 418 7.34 -0.11 29.14
C THR A 418 6.90 0.30 30.53
N GLU A 419 5.62 0.63 30.70
CA GLU A 419 5.03 0.87 32.00
C GLU A 419 3.64 0.25 32.02
N ASN A 420 2.97 0.32 33.17
CA ASN A 420 1.61 -0.14 33.30
C ASN A 420 0.66 0.96 32.83
N ARG A 421 -0.08 0.69 31.76
CA ARG A 421 -0.94 1.68 31.13
C ARG A 421 -2.37 1.14 31.11
N ARG A 422 -3.33 2.06 31.24
CA ARG A 422 -4.72 1.69 31.45
C ARG A 422 -5.54 1.96 30.18
N TYR A 423 -6.56 1.12 29.97
CA TYR A 423 -7.46 1.28 28.85
C TYR A 423 -8.85 0.85 29.27
N VAL A 424 -9.84 1.28 28.50
CA VAL A 424 -11.25 0.95 28.74
C VAL A 424 -11.96 0.89 27.39
N GLY A 425 -13.21 0.42 27.42
CA GLY A 425 -13.99 0.35 26.21
C GLY A 425 -15.19 -0.56 26.40
N GLU A 426 -15.99 -0.65 25.34
CA GLU A 426 -17.22 -1.43 25.34
C GLU A 426 -17.07 -2.57 24.35
N VAL A 427 -17.22 -3.80 24.83
CA VAL A 427 -17.10 -5.00 24.02
C VAL A 427 -18.49 -5.40 23.55
N LYS A 428 -18.64 -5.63 22.24
CA LYS A 428 -19.92 -6.01 21.66
C LYS A 428 -19.88 -7.27 20.82
N GLU A 429 -18.72 -7.76 20.42
CA GLU A 429 -18.65 -8.96 19.58
C GLU A 429 -17.38 -9.74 19.89
N ILE A 430 -17.48 -11.06 19.73
CA ILE A 430 -16.35 -11.97 19.93
C ILE A 430 -16.26 -12.88 18.73
N GLY A 431 -15.06 -13.36 18.44
CA GLY A 431 -14.84 -14.17 17.26
C GLY A 431 -13.94 -15.37 17.49
N LEU A 432 -14.32 -16.52 16.95
CA LEU A 432 -13.57 -17.76 17.10
C LEU A 432 -12.83 -18.05 15.80
N VAL A 433 -11.51 -18.18 15.88
CA VAL A 433 -10.68 -18.53 14.73
C VAL A 433 -9.80 -19.69 15.14
N ARG A 434 -9.93 -20.81 14.43
CA ARG A 434 -9.10 -21.99 14.68
C ARG A 434 -7.87 -21.90 13.78
N GLN A 435 -6.78 -21.36 14.32
CA GLN A 435 -5.50 -21.35 13.64
C GLN A 435 -4.65 -22.49 14.18
N ARG A 436 -4.12 -23.31 13.27
CA ARG A 436 -3.30 -24.46 13.62
C ARG A 436 -3.79 -25.18 14.87
N GLY A 437 -5.10 -25.37 14.97
CA GLY A 437 -5.70 -26.24 15.95
C GLY A 437 -6.24 -25.56 17.19
N ARG A 438 -5.61 -24.49 17.63
CA ARG A 438 -6.01 -23.81 18.87
C ARG A 438 -7.12 -22.82 18.59
N TYR A 439 -8.16 -22.88 19.41
CA TYR A 439 -9.31 -21.99 19.28
C TYR A 439 -9.01 -20.69 19.99
N TYR A 440 -9.18 -19.56 19.29
CA TYR A 440 -8.92 -18.24 19.84
C TYR A 440 -10.20 -17.41 19.77
N PHE A 441 -10.49 -16.69 20.85
CA PHE A 441 -11.69 -15.85 20.92
C PHE A 441 -11.28 -14.40 20.66
N PHE A 442 -11.45 -13.96 19.41
CA PHE A 442 -11.24 -12.56 19.05
C PHE A 442 -12.13 -11.66 19.91
N ILE A 443 -11.54 -10.63 20.48
CA ILE A 443 -12.26 -9.66 21.30
C ILE A 443 -12.29 -8.32 20.56
N ASP A 444 -13.48 -7.76 20.40
CA ASP A 444 -13.68 -6.49 19.72
C ASP A 444 -14.38 -5.51 20.65
N TYR A 445 -14.16 -4.22 20.39
CA TYR A 445 -14.68 -3.19 21.28
C TYR A 445 -14.43 -1.82 20.68
N ASN A 446 -15.25 -0.86 21.09
CA ASN A 446 -15.02 0.56 20.82
C ASN A 446 -14.48 1.23 22.07
N PHE A 447 -13.80 2.34 21.86
CA PHE A 447 -13.29 3.12 22.99
C PHE A 447 -13.07 4.55 22.56
N ASP A 448 -13.28 5.47 23.49
CA ASP A 448 -13.18 6.88 23.18
C ASP A 448 -11.72 7.27 22.91
N PRO A 449 -11.47 8.20 21.99
CA PRO A 449 -10.17 8.86 21.95
C PRO A 449 -10.09 9.93 23.04
N GLU A 450 -8.93 10.56 23.14
CA GLU A 450 -8.76 11.65 24.08
C GLU A 450 -9.40 12.92 23.54
N GLU A 451 -9.79 13.80 24.46
CA GLU A 451 -10.60 14.96 24.09
C GLU A 451 -9.81 15.90 23.19
N VAL A 452 -10.56 16.63 22.35
CA VAL A 452 -10.00 17.64 21.46
C VAL A 452 -10.87 18.88 21.52
N SER A 453 -10.23 20.05 21.65
CA SER A 453 -10.93 21.31 21.62
C SER A 453 -10.98 21.86 20.21
N ASP A 454 -12.07 22.58 19.90
CA ASP A 454 -12.24 23.13 18.57
C ASP A 454 -11.12 24.10 18.21
N GLU A 455 -10.41 24.62 19.21
CA GLU A 455 -9.26 25.46 18.92
C GLU A 455 -8.19 24.71 18.15
N THR A 456 -8.22 23.38 18.21
CA THR A 456 -7.35 22.57 17.36
C THR A 456 -7.97 22.39 15.98
N LYS A 457 -9.26 22.08 15.92
CA LYS A 457 -9.90 21.78 14.65
C LYS A 457 -9.90 22.98 13.72
N VAL A 458 -10.01 24.19 14.28
CA VAL A 458 -10.00 25.39 13.45
C VAL A 458 -8.68 25.50 12.70
N GLY A 459 -7.56 25.37 13.42
CA GLY A 459 -6.27 25.41 12.76
C GLY A 459 -6.09 24.26 11.79
N ARG A 460 -6.56 23.07 12.19
CA ARG A 460 -6.43 21.90 11.32
C ARG A 460 -7.13 22.13 9.99
N ALA A 465 -5.82 25.06 3.82
CA ALA A 465 -6.72 25.55 2.80
C ALA A 465 -5.94 26.37 1.77
N PRO A 466 -6.44 26.47 0.54
CA PRO A 466 -5.71 27.23 -0.48
C PRO A 466 -5.63 28.70 -0.11
N LEU A 467 -4.58 29.35 -0.62
CA LEU A 467 -4.38 30.77 -0.35
C LEU A 467 -5.48 31.63 -0.97
N ASN A 468 -6.17 31.12 -1.99
CA ASN A 468 -7.32 31.81 -2.54
C ASN A 468 -8.54 31.71 -1.63
N GLU A 469 -8.48 30.92 -0.58
CA GLU A 469 -9.58 30.75 0.36
C GLU A 469 -9.22 31.39 1.69
N SER A 470 -10.20 32.07 2.29
CA SER A 470 -10.02 32.76 3.57
C SER A 470 -10.85 32.06 4.63
N ARG A 471 -10.18 31.63 5.70
CA ARG A 471 -10.83 31.07 6.87
C ARG A 471 -10.09 31.55 8.11
N PRO A 472 -10.75 31.51 9.27
CA PRO A 472 -10.13 32.07 10.48
C PRO A 472 -8.78 31.45 10.78
N LYS A 473 -8.08 32.05 11.73
CA LYS A 473 -6.75 31.65 12.15
C LYS A 473 -6.81 30.87 13.45
N PRO A 474 -5.69 30.32 13.91
CA PRO A 474 -5.75 29.52 15.15
C PRO A 474 -6.35 30.25 16.33
N LYS A 475 -5.93 31.48 16.58
CA LYS A 475 -6.38 32.21 17.76
C LYS A 475 -6.07 31.38 19.02
N ASP A 476 -4.93 30.72 19.01
CA ASP A 476 -4.50 29.90 20.13
C ASP A 476 -3.05 29.53 19.95
N LYS A 477 -2.31 29.47 21.06
CA LYS A 477 -0.87 29.22 21.04
C LYS A 477 -0.60 27.71 20.96
N LEU A 478 -0.93 27.14 19.79
CA LEU A 478 -0.75 25.71 19.60
C LEU A 478 0.64 25.42 19.03
N THR A 479 1.00 24.14 19.03
CA THR A 479 2.29 23.67 18.55
C THR A 479 2.08 22.81 17.32
N VAL A 480 2.78 23.14 16.24
CA VAL A 480 2.75 22.40 14.99
C VAL A 480 4.01 21.57 14.91
N MET A 481 3.87 20.29 14.57
CA MET A 481 4.97 19.35 14.57
C MET A 481 5.14 18.77 13.16
N GLY A 482 6.38 18.47 12.81
CA GLY A 482 6.69 17.89 11.51
C GLY A 482 6.80 16.38 11.60
N ILE A 483 6.25 15.71 10.58
CA ILE A 483 6.45 14.29 10.37
C ILE A 483 6.85 14.09 8.92
N ASP A 484 7.96 13.40 8.70
CA ASP A 484 8.49 13.14 7.36
C ASP A 484 8.59 11.62 7.21
N LEU A 485 7.52 11.00 6.75
CA LEU A 485 7.52 9.56 6.53
C LEU A 485 8.63 9.18 5.57
N GLY A 486 9.36 8.14 5.92
CA GLY A 486 10.49 7.71 5.12
C GLY A 486 10.89 6.29 5.44
N ILE A 487 12.17 6.00 5.25
CA ILE A 487 12.70 4.67 5.45
C ILE A 487 13.86 4.73 6.45
N ASN A 488 14.83 5.60 6.18
CA ASN A 488 16.01 5.68 7.02
C ASN A 488 15.59 6.33 8.34
N PRO A 489 14.94 7.49 8.31
CA PRO A 489 14.19 7.93 9.49
C PRO A 489 12.76 7.43 9.47
N ALA A 490 12.29 6.83 10.55
CA ALA A 490 10.86 6.53 10.63
C ALA A 490 10.04 7.79 10.44
N PHE A 491 10.45 8.89 11.09
CA PHE A 491 9.84 10.19 10.86
C PHE A 491 10.79 11.26 11.39
N ALA A 492 11.35 12.05 10.49
CA ALA A 492 12.06 13.26 10.92
C ALA A 492 11.03 14.25 11.46
N PHE A 493 11.39 14.93 12.54
CA PHE A 493 10.41 15.74 13.25
C PHE A 493 10.96 17.13 13.57
N ALA A 494 10.05 18.08 13.65
CA ALA A 494 10.34 19.42 14.14
C ALA A 494 9.03 20.04 14.59
N VAL A 495 9.03 20.62 15.79
CA VAL A 495 7.84 21.26 16.34
C VAL A 495 8.16 22.70 16.66
N CYS A 496 7.35 23.61 16.15
CA CYS A 496 7.50 25.04 16.40
C CYS A 496 6.17 25.57 16.90
N THR A 497 6.20 26.26 18.04
CA THR A 497 4.99 26.79 18.64
C THR A 497 4.57 28.07 17.93
N LEU A 498 3.34 28.08 17.40
CA LEU A 498 2.80 29.30 16.84
C LEU A 498 2.25 30.17 17.95
N GLY A 499 2.51 31.47 17.85
CA GLY A 499 2.33 32.37 18.98
C GLY A 499 3.54 32.46 19.87
N GLU A 500 4.72 32.16 19.36
CA GLU A 500 5.95 32.19 20.15
C GLU A 500 7.14 32.04 19.22
N CYS A 501 8.27 32.57 19.64
CA CYS A 501 9.50 32.50 18.85
C CYS A 501 10.68 32.80 19.76
N GLN A 502 11.61 31.86 19.89
CA GLN A 502 12.77 32.04 20.75
C GLN A 502 14.08 31.98 19.99
N ASP A 503 14.34 30.91 19.25
CA ASP A 503 15.58 30.74 18.52
C ASP A 503 15.50 29.43 17.75
N GLY A 504 16.35 29.29 16.73
CA GLY A 504 16.36 28.14 15.86
C GLY A 504 16.23 28.54 14.40
N ILE A 505 15.52 27.72 13.64
CA ILE A 505 15.21 28.04 12.26
C ILE A 505 13.94 28.89 12.25
N ARG A 506 14.04 30.11 11.72
CA ARG A 506 12.90 30.99 11.66
C ARG A 506 12.14 30.75 10.37
N SER A 507 10.86 30.42 10.48
CA SER A 507 10.05 30.05 9.33
C SER A 507 8.79 30.90 9.33
N PRO A 508 8.49 31.60 8.22
CA PRO A 508 7.29 32.43 8.20
C PRO A 508 6.04 31.58 8.26
N VAL A 509 4.91 32.27 8.38
CA VAL A 509 3.60 31.61 8.41
C VAL A 509 2.61 32.54 7.74
N ALA A 510 1.48 31.98 7.31
CA ALA A 510 0.47 32.75 6.62
C ALA A 510 -0.28 33.64 7.61
N LYS A 511 -0.10 34.96 7.47
CA LYS A 511 -0.89 35.94 8.20
C LYS A 511 -0.71 35.82 9.71
N MET A 512 0.48 35.43 10.16
CA MET A 512 0.84 35.51 11.57
C MET A 512 2.35 35.67 11.67
N GLU A 513 2.81 35.90 12.90
CA GLU A 513 4.23 36.19 13.13
C GLU A 513 5.08 34.96 12.84
N ASP A 514 6.39 35.14 12.97
CA ASP A 514 7.33 34.06 12.73
C ASP A 514 7.27 33.03 13.86
N VAL A 515 7.53 31.78 13.50
CA VAL A 515 7.69 30.70 14.46
C VAL A 515 9.12 30.19 14.37
N SER A 516 9.54 29.45 15.39
CA SER A 516 10.91 28.95 15.46
C SER A 516 10.89 27.43 15.56
N PHE A 517 11.62 26.76 14.66
CA PHE A 517 11.75 25.31 14.67
C PHE A 517 12.96 24.96 15.54
N ASP A 518 12.70 24.74 16.83
CA ASP A 518 13.75 24.50 17.81
C ASP A 518 14.00 23.02 18.08
N SER A 519 12.97 22.27 18.46
CA SER A 519 13.11 20.85 18.74
C SER A 519 13.16 20.09 17.42
N THR A 520 14.29 19.44 17.15
CA THR A 520 14.49 18.75 15.89
C THR A 520 15.30 17.50 16.13
N GLY A 521 15.22 16.58 15.17
CA GLY A 521 15.96 15.34 15.27
C GLY A 521 15.30 14.28 14.40
N LEU A 522 15.71 13.04 14.65
CA LEU A 522 15.23 11.89 13.90
C LEU A 522 14.74 10.81 14.86
N ARG A 523 13.71 10.09 14.44
CA ARG A 523 13.20 8.93 15.15
C ARG A 523 13.13 7.76 14.18
N GLY A 524 13.73 6.64 14.56
CA GLY A 524 13.70 5.46 13.72
C GLY A 524 14.91 5.32 12.85
N GLY A 525 16.07 5.68 13.37
CA GLY A 525 17.31 5.52 12.65
C GLY A 525 17.84 4.11 12.78
N ILE A 526 19.00 3.87 12.17
CA ILE A 526 19.61 2.56 12.26
C ILE A 526 19.90 2.24 13.72
N GLY A 527 19.44 1.09 14.16
CA GLY A 527 19.78 0.60 15.49
C GLY A 527 21.13 -0.04 15.58
N SER A 528 21.88 -0.04 14.48
CA SER A 528 23.22 -0.61 14.45
C SER A 528 23.89 -0.20 13.15
N GLN A 529 25.15 0.20 13.23
CA GLN A 529 25.91 0.49 12.02
C GLN A 529 26.05 -0.74 11.14
N LYS A 530 25.93 -1.93 11.72
CA LYS A 530 26.24 -3.18 11.04
C LYS A 530 24.99 -3.99 10.69
N LEU A 531 24.00 -4.05 11.57
CA LEU A 531 22.86 -4.93 11.33
C LEU A 531 22.09 -4.49 10.10
N HIS A 532 21.78 -3.20 10.00
CA HIS A 532 21.03 -2.71 8.85
C HIS A 532 21.80 -2.89 7.56
N ARG A 533 23.12 -2.65 7.59
CA ARG A 533 23.93 -2.81 6.39
C ARG A 533 23.94 -4.26 5.92
N GLU A 534 24.22 -5.20 6.84
CA GLU A 534 24.23 -6.61 6.48
C GLU A 534 22.86 -7.03 5.96
N MET A 535 21.81 -6.52 6.60
CA MET A 535 20.45 -6.88 6.24
C MET A 535 20.10 -6.41 4.83
N HIS A 536 20.47 -5.17 4.50
CA HIS A 536 20.29 -4.65 3.15
C HIS A 536 21.09 -5.48 2.13
N ASN A 537 22.33 -5.83 2.49
CA ASN A 537 23.12 -6.67 1.61
C ASN A 537 22.39 -7.97 1.29
N LEU A 538 21.85 -8.63 2.31
CA LEU A 538 21.15 -9.89 2.08
C LEU A 538 19.91 -9.68 1.23
N SER A 539 19.17 -8.58 1.46
CA SER A 539 17.99 -8.32 0.66
C SER A 539 18.35 -8.16 -0.83
N ASP A 540 19.39 -7.39 -1.11
CA ASP A 540 19.82 -7.22 -2.50
C ASP A 540 20.29 -8.55 -3.09
N ARG A 541 21.01 -9.34 -2.30
CA ARG A 541 21.43 -10.66 -2.74
C ARG A 541 20.23 -11.50 -3.15
N CYS A 542 19.15 -11.45 -2.36
CA CYS A 542 17.95 -12.20 -2.72
C CYS A 542 17.36 -11.66 -4.01
N PHE A 543 17.25 -10.34 -4.13
CA PHE A 543 16.67 -9.75 -5.33
C PHE A 543 17.42 -10.16 -6.58
N TYR A 544 18.72 -10.41 -6.46
CA TYR A 544 19.52 -10.75 -7.64
C TYR A 544 19.56 -12.24 -7.92
N GLY A 545 19.65 -13.08 -6.88
CA GLY A 545 19.55 -14.51 -7.09
C GLY A 545 18.22 -14.92 -7.70
N ALA A 546 17.13 -14.25 -7.27
CA ALA A 546 15.81 -14.60 -7.75
C ALA A 546 15.68 -14.43 -9.26
N ARG A 547 16.56 -13.65 -9.87
CA ARG A 547 16.56 -13.49 -11.33
C ARG A 547 17.64 -14.35 -11.98
N TYR A 548 18.78 -14.54 -11.33
CA TYR A 548 19.77 -15.42 -11.92
C TYR A 548 19.26 -16.84 -12.04
N ILE A 549 18.34 -17.26 -11.17
CA ILE A 549 17.76 -18.59 -11.34
C ILE A 549 17.06 -18.69 -12.69
N ARG A 550 16.24 -17.70 -13.03
CA ARG A 550 15.59 -17.68 -14.34
C ARG A 550 16.60 -17.61 -15.46
N LEU A 551 17.65 -16.81 -15.27
CA LEU A 551 18.68 -16.67 -16.31
C LEU A 551 19.33 -18.01 -16.60
N SER A 552 19.69 -18.76 -15.56
CA SER A 552 20.32 -20.06 -15.76
C SER A 552 19.32 -21.07 -16.30
N LYS A 553 18.05 -20.95 -15.92
CA LYS A 553 17.03 -21.81 -16.51
C LYS A 553 17.00 -21.64 -18.03
N LYS A 554 16.88 -20.39 -18.49
CA LYS A 554 16.84 -20.14 -19.93
C LYS A 554 18.13 -20.59 -20.59
N LEU A 555 19.27 -20.29 -19.99
CA LEU A 555 20.55 -20.66 -20.60
C LEU A 555 20.66 -22.16 -20.76
N ARG A 556 20.28 -22.92 -19.73
CA ARG A 556 20.29 -24.38 -19.83
C ARG A 556 19.34 -24.86 -20.91
N ASP A 557 18.14 -24.28 -20.96
CA ASP A 557 17.16 -24.76 -21.93
C ASP A 557 17.60 -24.52 -23.36
N ARG A 558 18.17 -23.34 -23.64
CA ARG A 558 18.36 -22.92 -25.03
C ARG A 558 19.72 -22.33 -25.35
N GLY A 559 20.55 -21.99 -24.38
CA GLY A 559 21.77 -21.29 -24.66
C GLY A 559 21.54 -19.79 -24.83
N ALA A 560 22.65 -19.04 -24.78
CA ALA A 560 22.57 -17.59 -24.83
C ALA A 560 21.68 -17.15 -25.99
N LEU A 561 20.57 -16.49 -25.65
CA LEU A 561 19.58 -16.11 -26.64
C LEU A 561 19.88 -14.77 -27.32
N ASN A 562 20.67 -13.91 -26.69
CA ASN A 562 21.03 -12.63 -27.28
C ASN A 562 22.12 -12.01 -26.43
N ASP A 563 22.51 -10.78 -26.79
CA ASP A 563 23.66 -10.14 -26.16
C ASP A 563 23.30 -9.55 -24.79
N ILE A 564 22.15 -8.86 -24.70
CA ILE A 564 21.83 -8.17 -23.45
C ILE A 564 21.69 -9.17 -22.31
N GLU A 565 21.31 -10.41 -22.62
CA GLU A 565 21.29 -11.45 -21.60
C GLU A 565 22.66 -11.61 -20.96
N ALA A 566 23.70 -11.77 -21.79
CA ALA A 566 25.05 -11.92 -21.26
C ALA A 566 25.54 -10.64 -20.60
N ARG A 567 25.12 -9.49 -21.13
CA ARG A 567 25.51 -8.22 -20.51
C ARG A 567 24.95 -8.12 -19.10
N LEU A 568 23.67 -8.45 -18.92
CA LEU A 568 23.11 -8.47 -17.57
C LEU A 568 23.80 -9.50 -16.71
N LEU A 569 24.05 -10.69 -17.25
CA LEU A 569 24.76 -11.72 -16.50
C LEU A 569 26.06 -11.17 -15.94
N GLU A 570 26.86 -10.52 -16.78
CA GLU A 570 28.18 -10.08 -16.33
C GLU A 570 28.12 -8.79 -15.53
N GLU A 571 27.02 -8.04 -15.62
CA GLU A 571 26.98 -6.71 -14.99
C GLU A 571 26.21 -6.70 -13.67
N LYS A 572 24.99 -7.21 -13.65
CA LYS A 572 24.08 -7.02 -12.53
C LYS A 572 23.93 -8.25 -11.65
N TYR A 573 23.65 -9.41 -12.23
CA TYR A 573 23.23 -10.56 -11.42
C TYR A 573 24.41 -11.30 -10.83
N ILE A 574 25.42 -11.60 -11.64
CA ILE A 574 26.60 -12.33 -11.17
C ILE A 574 27.18 -11.63 -9.95
N PRO A 575 27.32 -10.31 -9.95
CA PRO A 575 27.77 -9.65 -8.72
C PRO A 575 26.70 -9.59 -7.64
N GLY A 576 25.43 -9.59 -8.04
CA GLY A 576 24.34 -9.63 -7.08
C GLY A 576 24.11 -11.00 -6.47
N PHE A 577 24.74 -12.03 -7.03
CA PHE A 577 24.68 -13.37 -6.50
C PHE A 577 26.05 -13.90 -6.10
N ARG A 578 27.13 -13.30 -6.59
CA ARG A 578 28.51 -13.63 -6.24
C ARG A 578 28.72 -15.14 -6.24
N ILE A 579 28.58 -15.70 -7.44
CA ILE A 579 28.81 -17.11 -7.70
C ILE A 579 29.68 -17.25 -8.93
N VAL A 580 30.32 -18.40 -9.07
CA VAL A 580 31.09 -18.71 -10.26
C VAL A 580 30.15 -19.22 -11.34
N HIS A 581 30.41 -18.82 -12.58
CA HIS A 581 29.61 -19.26 -13.72
C HIS A 581 30.25 -20.51 -14.32
N ILE A 582 29.43 -21.54 -14.54
CA ILE A 582 29.89 -22.81 -15.06
C ILE A 582 29.08 -23.15 -16.30
N GLU A 583 29.76 -23.55 -17.37
CA GLU A 583 29.07 -23.81 -18.63
C GLU A 583 28.08 -24.96 -18.49
N ASP A 584 28.46 -26.00 -17.76
CA ASP A 584 27.57 -27.13 -17.57
C ASP A 584 26.37 -26.75 -16.71
N ALA A 585 25.33 -27.57 -16.79
CA ALA A 585 24.08 -27.29 -16.08
C ALA A 585 24.01 -27.94 -14.70
N ASP A 586 24.58 -29.13 -14.54
CA ASP A 586 24.46 -29.83 -13.26
C ASP A 586 25.21 -29.09 -12.14
N GLU A 587 26.46 -28.71 -12.40
CA GLU A 587 27.22 -28.01 -11.39
C GLU A 587 26.61 -26.64 -11.11
N ARG A 588 26.09 -25.98 -12.14
CA ARG A 588 25.41 -24.71 -11.94
C ARG A 588 24.17 -24.88 -11.06
N ARG A 589 23.41 -25.95 -11.28
CA ARG A 589 22.24 -26.21 -10.44
C ARG A 589 22.65 -26.44 -8.99
N ARG A 590 23.69 -27.24 -8.78
CA ARG A 590 24.14 -27.48 -7.41
C ARG A 590 24.71 -26.22 -6.78
N THR A 591 25.29 -25.33 -7.58
CA THR A 591 25.75 -24.04 -7.05
C THR A 591 24.57 -23.17 -6.65
N VAL A 592 23.49 -23.21 -7.43
CA VAL A 592 22.28 -22.51 -7.04
C VAL A 592 21.79 -23.01 -5.69
N GLY A 593 21.78 -24.34 -5.52
CA GLY A 593 21.38 -24.90 -4.24
C GLY A 593 22.29 -24.47 -3.10
N ARG A 594 23.61 -24.47 -3.35
CA ARG A 594 24.56 -24.06 -2.32
C ARG A 594 24.32 -22.62 -1.90
N THR A 595 24.14 -21.72 -2.86
CA THR A 595 23.89 -20.33 -2.53
C THR A 595 22.55 -20.17 -1.82
N VAL A 596 21.55 -20.97 -2.18
CA VAL A 596 20.29 -20.92 -1.47
C VAL A 596 20.49 -21.29 -0.01
N LYS A 597 21.26 -22.36 0.25
CA LYS A 597 21.52 -22.75 1.63
C LYS A 597 22.29 -21.67 2.38
N GLU A 598 23.26 -21.03 1.72
CA GLU A 598 24.01 -19.97 2.35
C GLU A 598 23.11 -18.80 2.72
N ILE A 599 22.19 -18.43 1.83
CA ILE A 599 21.26 -17.36 2.12
C ILE A 599 20.35 -17.75 3.27
N LYS A 600 19.95 -19.02 3.34
CA LYS A 600 19.20 -19.51 4.49
C LYS A 600 19.98 -19.29 5.78
N GLN A 601 21.25 -19.68 5.80
CA GLN A 601 22.05 -19.56 7.02
C GLN A 601 22.24 -18.10 7.42
N GLU A 602 22.45 -17.22 6.43
CA GLU A 602 22.58 -15.80 6.74
C GLU A 602 21.26 -15.23 7.27
N TYR A 603 20.14 -15.69 6.72
CA TYR A 603 18.83 -15.31 7.25
C TYR A 603 18.71 -15.73 8.70
N LYS A 604 19.13 -16.95 9.02
CA LYS A 604 19.08 -17.41 10.40
C LYS A 604 19.97 -16.57 11.31
N ARG A 605 21.17 -16.25 10.85
CA ARG A 605 22.10 -15.46 11.63
C ARG A 605 21.50 -14.09 11.94
N ILE A 606 20.98 -13.41 10.93
CA ILE A 606 20.35 -12.11 11.12
C ILE A 606 19.14 -12.24 12.03
N ARG A 607 18.29 -13.22 11.78
CA ARG A 607 17.06 -13.37 12.54
C ARG A 607 17.35 -13.63 14.01
N HIS A 608 18.41 -14.38 14.30
CA HIS A 608 18.76 -14.67 15.69
C HIS A 608 19.37 -13.45 16.37
N GLN A 609 20.26 -12.74 15.68
CA GLN A 609 20.83 -11.53 16.29
C GLN A 609 19.77 -10.45 16.48
N PHE A 610 18.75 -10.44 15.63
CA PHE A 610 17.72 -9.41 15.67
C PHE A 610 16.66 -9.72 16.71
N TYR A 611 16.47 -10.99 17.06
CA TYR A 611 15.53 -11.34 18.12
C TYR A 611 16.13 -11.04 19.49
N LEU A 612 17.43 -11.22 19.65
CA LEU A 612 18.09 -10.95 20.92
C LEU A 612 18.14 -9.48 21.26
N ARG A 613 17.86 -8.59 20.30
CA ARG A 613 17.92 -7.16 20.57
C ARG A 613 17.00 -6.79 21.72
N TYR A 614 15.94 -7.57 21.95
CA TYR A 614 14.92 -7.25 22.93
C TYR A 614 15.04 -8.09 24.19
N HIS A 615 16.11 -8.85 24.37
CA HIS A 615 16.27 -9.65 25.58
C HIS A 615 17.59 -9.41 26.32
N THR A 616 18.68 -9.19 25.59
CA THR A 616 19.97 -9.04 26.23
C THR A 616 19.98 -7.77 27.09
N SER A 617 20.98 -7.65 27.96
CA SER A 617 21.04 -6.58 28.94
C SER A 617 20.89 -5.18 28.33
N LYS A 618 20.92 -5.08 27.00
CA LYS A 618 20.70 -3.82 26.31
C LYS A 618 19.23 -3.49 26.11
N ARG A 619 18.31 -4.30 26.64
CA ARG A 619 16.88 -4.12 26.41
C ARG A 619 16.46 -2.65 26.50
N ASP A 620 16.88 -1.97 27.55
CA ASP A 620 16.40 -0.61 27.80
C ASP A 620 16.75 0.33 26.66
N ARG A 621 17.92 0.18 26.06
CA ARG A 621 18.40 1.11 25.05
C ARG A 621 18.00 0.72 23.65
N THR A 622 17.17 -0.31 23.48
CA THR A 622 16.67 -0.67 22.15
C THR A 622 15.52 0.25 21.80
N GLU A 623 15.64 0.96 20.68
CA GLU A 623 14.63 1.94 20.31
C GLU A 623 13.32 1.26 19.96
N LEU A 624 12.23 2.03 20.11
CA LEU A 624 10.90 1.50 19.81
C LEU A 624 10.79 1.10 18.34
N ILE A 625 11.35 1.91 17.45
CA ILE A 625 11.32 1.64 16.01
C ILE A 625 12.71 1.92 15.44
N SER A 626 12.97 1.36 14.27
CA SER A 626 14.25 1.58 13.60
C SER A 626 14.13 1.13 12.14
N ALA A 627 15.09 1.57 11.33
CA ALA A 627 15.13 1.17 9.93
C ALA A 627 15.36 -0.33 9.78
N GLU A 628 15.79 -1.00 10.85
CA GLU A 628 16.02 -2.44 10.78
C GLU A 628 14.74 -3.17 10.41
N TYR A 629 13.61 -2.75 10.98
CA TYR A 629 12.34 -3.41 10.69
C TYR A 629 12.07 -3.39 9.19
N PHE A 630 12.22 -2.21 8.57
CA PHE A 630 11.94 -2.07 7.15
C PHE A 630 12.93 -2.87 6.31
N ARG A 631 14.21 -2.84 6.67
CA ARG A 631 15.18 -3.56 5.84
C ARG A 631 14.98 -5.07 5.93
N MET A 632 14.63 -5.62 7.09
CA MET A 632 14.42 -7.07 7.13
C MET A 632 13.07 -7.42 6.52
N LEU A 633 12.12 -6.46 6.51
CA LEU A 633 10.93 -6.62 5.68
C LEU A 633 11.31 -6.82 4.22
N PHE A 634 12.16 -5.95 3.69
CA PHE A 634 12.61 -6.10 2.31
C PHE A 634 13.32 -7.44 2.13
N LEU A 635 14.16 -7.80 3.10
CA LEU A 635 14.89 -9.06 3.01
C LEU A 635 13.93 -10.24 2.89
N VAL A 636 12.90 -10.27 3.71
CA VAL A 636 11.97 -11.40 3.64
C VAL A 636 11.16 -11.34 2.36
N LYS A 637 10.78 -10.14 1.92
CA LYS A 637 9.97 -10.02 0.71
C LYS A 637 10.74 -10.56 -0.50
N ASN A 638 12.05 -10.38 -0.53
CA ASN A 638 12.84 -10.90 -1.66
C ASN A 638 13.31 -12.33 -1.45
N LEU A 639 13.51 -12.76 -0.20
CA LEU A 639 13.87 -14.15 0.04
C LEU A 639 12.72 -15.07 -0.30
N ARG A 640 11.48 -14.65 -0.05
CA ARG A 640 10.32 -15.41 -0.47
C ARG A 640 10.41 -15.72 -1.95
N ASN A 641 10.73 -14.71 -2.77
CA ASN A 641 10.80 -14.92 -4.21
C ASN A 641 12.00 -15.78 -4.58
N LEU A 642 13.14 -15.57 -3.92
CA LEU A 642 14.30 -16.40 -4.23
C LEU A 642 13.98 -17.88 -4.04
N LEU A 643 13.38 -18.21 -2.91
CA LEU A 643 12.99 -19.61 -2.70
C LEU A 643 11.93 -20.04 -3.70
N LYS A 644 10.81 -19.32 -3.78
CA LYS A 644 9.77 -19.67 -4.75
C LYS A 644 10.35 -19.94 -6.12
N SER A 645 11.44 -19.28 -6.47
CA SER A 645 12.15 -19.60 -7.70
C SER A 645 12.89 -20.92 -7.59
N TRP A 646 13.57 -21.15 -6.46
CA TRP A 646 14.30 -22.41 -6.30
C TRP A 646 13.39 -23.61 -6.25
N ASN A 647 12.10 -23.42 -5.98
CA ASN A 647 11.12 -24.49 -6.02
C ASN A 647 10.68 -24.83 -7.43
N ARG A 648 10.99 -23.98 -8.40
CA ARG A 648 10.51 -24.13 -9.77
C ARG A 648 11.65 -24.08 -10.78
N TYR A 649 12.80 -24.62 -10.40
CA TYR A 649 13.97 -24.58 -11.28
C TYR A 649 14.12 -25.86 -12.09
N HIS A 650 13.64 -26.99 -11.58
CA HIS A 650 13.88 -28.27 -12.22
C HIS A 650 13.27 -28.34 -13.62
N TRP A 651 12.24 -27.54 -13.88
CA TRP A 651 11.48 -27.68 -15.12
C TRP A 651 11.84 -26.57 -16.11
N THR A 652 11.49 -26.81 -17.37
CA THR A 652 11.97 -26.01 -18.49
C THR A 652 11.36 -24.60 -18.44
N THR A 653 11.67 -23.80 -19.47
CA THR A 653 11.24 -22.42 -19.50
C THR A 653 9.82 -22.26 -20.05
N GLY A 654 9.42 -23.10 -21.01
CA GLY A 654 8.14 -22.95 -21.67
C GLY A 654 6.94 -23.42 -20.89
N ASP A 655 7.15 -23.98 -19.70
CA ASP A 655 6.04 -24.46 -18.87
C ASP A 655 5.22 -23.29 -18.34
N ARG A 656 3.97 -23.60 -17.97
CA ARG A 656 3.10 -22.59 -17.37
C ARG A 656 2.20 -23.12 -16.25
N GLU A 657 2.34 -24.37 -15.84
CA GLU A 657 1.38 -24.98 -14.93
C GLU A 657 2.09 -25.75 -13.83
N ARG A 658 1.40 -25.88 -12.71
CA ARG A 658 1.92 -26.61 -11.56
C ARG A 658 1.98 -28.11 -11.85
N ARG A 659 3.04 -28.75 -11.37
CA ARG A 659 3.20 -30.19 -11.57
C ARG A 659 2.39 -31.01 -10.58
N GLY A 660 1.92 -30.41 -9.48
CA GLY A 660 1.16 -31.13 -8.49
C GLY A 660 0.52 -30.21 -7.48
N GLY A 661 -0.66 -30.59 -6.99
CA GLY A 661 -1.39 -29.77 -6.04
C GLY A 661 -0.84 -29.84 -4.64
N ASN A 662 0.42 -29.46 -4.45
CA ASN A 662 1.00 -29.43 -3.12
C ASN A 662 0.67 -28.10 -2.46
N PRO A 663 -0.14 -28.07 -1.39
CA PRO A 663 -0.52 -26.80 -0.78
C PRO A 663 0.52 -26.30 0.20
N ASP A 664 0.22 -25.14 0.77
CA ASP A 664 1.00 -24.56 1.87
C ASP A 664 2.48 -24.40 1.52
N GLU A 665 2.77 -24.01 0.28
CA GLU A 665 4.16 -23.78 -0.11
C GLU A 665 4.64 -22.45 0.44
N LEU A 666 5.78 -22.48 1.13
CA LEU A 666 6.45 -21.27 1.62
C LEU A 666 5.51 -20.38 2.43
N LYS A 667 4.45 -20.96 3.01
CA LYS A 667 3.50 -20.14 3.75
C LYS A 667 4.06 -19.69 5.09
N SER A 668 5.07 -20.38 5.62
CA SER A 668 5.72 -19.92 6.83
C SER A 668 6.35 -18.55 6.61
N TYR A 669 7.07 -18.38 5.50
CA TYR A 669 7.70 -17.10 5.21
C TYR A 669 6.67 -16.01 4.96
N VAL A 670 5.58 -16.34 4.27
CA VAL A 670 4.55 -15.35 4.02
C VAL A 670 3.94 -14.88 5.34
N ARG A 671 3.65 -15.83 6.23
CA ARG A 671 3.10 -15.46 7.53
C ARG A 671 4.08 -14.62 8.33
N TYR A 672 5.37 -14.99 8.31
CA TYR A 672 6.37 -14.19 8.99
C TYR A 672 6.37 -12.77 8.46
N TYR A 673 6.41 -12.63 7.14
CA TYR A 673 6.49 -11.30 6.52
C TYR A 673 5.27 -10.47 6.86
N ASN A 674 4.09 -11.08 6.87
CA ASN A 674 2.88 -10.31 7.13
C ASN A 674 2.78 -9.91 8.61
N ASN A 675 3.10 -10.85 9.50
CA ASN A 675 3.12 -10.52 10.93
C ASN A 675 4.13 -9.41 11.20
N LEU A 676 5.28 -9.47 10.55
CA LEU A 676 6.27 -8.41 10.67
C LEU A 676 5.73 -7.08 10.16
N ARG A 677 5.03 -7.11 9.03
CA ARG A 677 4.52 -5.85 8.49
C ARG A 677 3.54 -5.22 9.47
N MET A 678 2.64 -6.04 10.04
CA MET A 678 1.69 -5.51 11.02
C MET A 678 2.42 -4.96 12.24
N ASP A 679 3.39 -5.71 12.76
CA ASP A 679 4.12 -5.27 13.95
C ASP A 679 4.89 -3.98 13.68
N THR A 680 5.55 -3.89 12.52
CA THR A 680 6.34 -2.71 12.21
C THR A 680 5.46 -1.49 12.01
N LEU A 681 4.31 -1.67 11.36
CA LEU A 681 3.38 -0.55 11.22
C LEU A 681 2.91 -0.09 12.61
N LYS A 682 2.60 -1.03 13.49
CA LYS A 682 2.20 -0.67 14.85
C LYS A 682 3.33 0.06 15.57
N LYS A 683 4.57 -0.39 15.37
CA LYS A 683 5.69 0.22 16.08
C LYS A 683 5.96 1.63 15.58
N LEU A 684 5.86 1.85 14.27
CA LEU A 684 5.97 3.20 13.74
C LEU A 684 4.85 4.08 14.27
N THR A 685 3.64 3.54 14.32
CA THR A 685 2.52 4.24 14.97
C THR A 685 2.89 4.67 16.38
N CYS A 686 3.39 3.72 17.18
CA CYS A 686 3.68 4.00 18.57
C CYS A 686 4.78 5.05 18.70
N ALA A 687 5.84 4.94 17.89
CA ALA A 687 6.91 5.92 17.94
C ALA A 687 6.40 7.31 17.59
N ILE A 688 5.55 7.41 16.57
CA ILE A 688 5.03 8.71 16.17
C ILE A 688 4.18 9.30 17.31
N VAL A 689 3.30 8.48 17.91
CA VAL A 689 2.48 9.00 18.99
C VAL A 689 3.34 9.45 20.16
N ARG A 690 4.38 8.67 20.49
CA ARG A 690 5.21 9.01 21.64
C ARG A 690 5.97 10.30 21.39
N THR A 691 6.62 10.41 20.23
CA THR A 691 7.37 11.62 19.91
C THR A 691 6.46 12.81 19.65
N ALA A 692 5.16 12.60 19.46
CA ALA A 692 4.23 13.71 19.26
C ALA A 692 3.59 14.21 20.55
N LYS A 693 3.15 13.29 21.42
CA LYS A 693 2.42 13.69 22.62
C LYS A 693 3.25 14.62 23.50
N GLU A 694 4.47 14.19 23.85
CA GLU A 694 5.27 14.95 24.81
C GLU A 694 5.46 16.38 24.35
N HIS A 695 5.59 16.60 23.05
CA HIS A 695 5.75 17.94 22.51
C HIS A 695 4.42 18.66 22.35
N GLY A 696 3.31 18.00 22.65
CA GLY A 696 1.99 18.57 22.41
C GLY A 696 1.46 18.14 21.06
N ALA A 697 2.13 18.57 20.00
CA ALA A 697 1.80 18.15 18.64
C ALA A 697 0.31 18.30 18.37
N THR A 698 -0.22 19.46 18.73
CA THR A 698 -1.63 19.75 18.50
C THR A 698 -1.99 19.75 17.02
N LEU A 699 -1.01 19.87 16.13
CA LEU A 699 -1.23 19.78 14.69
C LEU A 699 0.01 19.19 14.05
N VAL A 700 -0.18 18.15 13.24
CA VAL A 700 0.90 17.36 12.67
C VAL A 700 0.77 17.37 11.15
N ALA A 701 1.88 17.64 10.47
CA ALA A 701 1.93 17.63 9.01
C ALA A 701 2.80 16.46 8.55
N MET A 702 2.27 15.66 7.64
CA MET A 702 2.98 14.49 7.13
C MET A 702 2.78 14.39 5.63
N GLU A 703 3.87 14.28 4.89
CA GLU A 703 3.82 14.39 3.44
C GLU A 703 2.93 13.30 2.86
N ASN A 704 2.20 13.66 1.81
CA ASN A 704 1.37 12.71 1.07
C ASN A 704 2.29 11.85 0.22
N ILE A 705 2.80 10.77 0.81
CA ILE A 705 3.68 9.86 0.09
C ILE A 705 2.99 9.25 -1.12
N GLN A 706 1.66 9.34 -1.18
CA GLN A 706 0.94 8.76 -2.31
C GLN A 706 1.41 9.32 -3.64
N ARG A 707 1.96 10.54 -3.64
CA ARG A 707 2.51 11.14 -4.84
C ARG A 707 4.00 11.37 -4.71
N ASN A 720 12.27 0.64 -3.38
CA ASN A 720 12.93 0.67 -2.08
C ASN A 720 12.37 1.80 -1.23
N SER A 721 11.05 1.87 -1.11
CA SER A 721 10.39 2.94 -0.37
C SER A 721 9.03 2.44 0.11
N LEU A 722 8.48 3.16 1.10
CA LEU A 722 7.26 2.76 1.78
C LEU A 722 6.21 2.22 0.82
N LEU A 723 6.10 2.83 -0.36
CA LEU A 723 5.08 2.40 -1.31
C LEU A 723 5.24 0.93 -1.69
N SER A 724 6.47 0.42 -1.69
CA SER A 724 6.68 -0.97 -2.05
C SER A 724 6.15 -1.93 -0.99
N LEU A 725 6.49 -1.70 0.28
CA LEU A 725 6.14 -2.63 1.35
C LEU A 725 4.68 -2.55 1.75
N TRP A 726 4.04 -1.40 1.59
CA TRP A 726 2.62 -1.24 1.84
C TRP A 726 1.94 -0.68 0.60
N ALA A 727 0.65 -0.92 0.49
CA ALA A 727 -0.14 -0.20 -0.48
C ALA A 727 -0.05 1.30 -0.17
N PRO A 728 -0.14 2.15 -1.18
CA PRO A 728 0.25 3.56 -0.96
C PRO A 728 -0.53 4.26 0.13
N GLY A 729 -1.73 3.76 0.47
CA GLY A 729 -2.61 4.51 1.34
C GLY A 729 -2.75 3.96 2.76
N MET A 730 -2.41 2.69 2.96
CA MET A 730 -2.63 2.08 4.27
C MET A 730 -1.76 2.73 5.33
N VAL A 731 -0.50 3.02 5.02
CA VAL A 731 0.39 3.66 5.98
C VAL A 731 -0.24 4.94 6.50
N LEU A 732 -0.56 5.86 5.59
CA LEU A 732 -1.12 7.14 5.99
C LEU A 732 -2.46 6.96 6.70
N GLU A 733 -3.32 6.07 6.20
CA GLU A 733 -4.64 5.91 6.79
C GLU A 733 -4.53 5.45 8.24
N ARG A 734 -3.76 4.39 8.48
CA ARG A 734 -3.67 3.89 9.85
C ARG A 734 -2.89 4.84 10.75
N VAL A 735 -1.91 5.56 10.20
CA VAL A 735 -1.19 6.52 11.02
C VAL A 735 -2.12 7.65 11.45
N GLU A 736 -2.95 8.13 10.53
CA GLU A 736 -3.95 9.13 10.88
C GLU A 736 -4.93 8.60 11.92
N GLN A 737 -5.32 7.34 11.78
CA GLN A 737 -6.24 6.75 12.76
C GLN A 737 -5.62 6.70 14.15
N GLU A 738 -4.42 6.13 14.24
CA GLU A 738 -3.75 5.99 15.53
C GLU A 738 -3.45 7.34 16.16
N LEU A 739 -2.88 8.28 15.40
CA LEU A 739 -2.66 9.61 15.96
C LEU A 739 -3.97 10.26 16.33
N LYS A 740 -5.03 9.98 15.57
CA LYS A 740 -6.34 10.47 15.95
C LYS A 740 -6.81 9.87 17.28
N ASN A 741 -6.67 8.55 17.40
CA ASN A 741 -7.16 7.88 18.60
C ASN A 741 -6.52 8.43 19.85
N GLU A 742 -5.44 9.18 19.69
CA GLU A 742 -4.73 9.71 20.85
C GLU A 742 -5.17 11.14 21.15
N GLY A 743 -5.94 11.74 20.24
CA GLY A 743 -6.41 13.10 20.44
C GLY A 743 -5.71 14.06 19.50
N ILE A 744 -4.60 13.63 18.92
CA ILE A 744 -3.86 14.46 17.98
C ILE A 744 -4.63 14.51 16.67
N LEU A 745 -4.40 15.57 15.89
CA LEU A 745 -5.07 15.73 14.61
C LEU A 745 -4.02 15.88 13.51
N ALA A 746 -3.70 14.78 12.83
CA ALA A 746 -2.65 14.82 11.81
C ALA A 746 -3.12 15.47 10.51
N TRP A 747 -2.22 15.57 9.54
CA TRP A 747 -2.55 16.19 8.25
C TRP A 747 -1.53 15.85 7.18
N GLU A 748 -1.99 15.74 5.93
CA GLU A 748 -1.08 15.36 4.84
C GLU A 748 -0.62 16.56 4.01
N VAL A 749 0.59 16.48 3.44
CA VAL A 749 1.14 17.60 2.68
C VAL A 749 1.84 17.17 1.39
N ASP A 750 1.62 17.90 0.31
CA ASP A 750 2.30 17.60 -0.95
C ASP A 750 3.81 17.58 -0.76
N PRO A 751 4.48 16.53 -1.25
CA PRO A 751 5.94 16.41 -1.10
C PRO A 751 6.74 16.95 -2.27
N ARG A 752 6.07 17.55 -3.25
CA ARG A 752 6.72 18.01 -4.49
C ARG A 752 7.82 19.03 -4.18
N HIS A 753 9.07 18.64 -4.43
CA HIS A 753 10.26 19.42 -4.09
C HIS A 753 10.28 19.88 -2.64
N THR A 754 9.55 19.22 -1.75
CA THR A 754 9.76 19.44 -0.33
C THR A 754 11.10 18.88 0.14
N SER A 755 11.75 18.08 -0.70
CA SER A 755 13.01 17.43 -0.34
C SER A 755 14.18 17.89 -1.19
N GLN A 756 14.03 18.99 -1.93
CA GLN A 756 15.12 19.56 -2.70
C GLN A 756 15.28 21.06 -2.48
N THR A 757 14.29 21.73 -1.90
CA THR A 757 14.35 23.16 -1.64
C THR A 757 14.92 23.41 -0.25
N SER A 758 15.12 24.70 0.05
CA SER A 758 15.74 25.11 1.30
C SER A 758 14.68 25.68 2.25
N CYS A 759 14.92 25.48 3.54
CA CYS A 759 14.02 25.94 4.59
C CYS A 759 14.51 27.19 5.29
N ILE A 760 15.59 27.80 4.79
CA ILE A 760 16.07 29.05 5.33
C ILE A 760 16.06 30.17 4.30
N THR A 761 16.13 29.85 3.00
CA THR A 761 16.19 30.86 1.95
C THR A 761 15.08 30.73 0.92
N ASP A 762 14.24 29.71 0.99
CA ASP A 762 13.15 29.52 0.04
C ASP A 762 13.69 29.48 -1.38
N GLU A 763 14.60 28.55 -1.63
CA GLU A 763 15.14 28.38 -2.98
C GLU A 763 15.51 26.93 -3.21
N PHE A 764 15.48 26.49 -4.46
CA PHE A 764 15.84 25.11 -4.79
C PHE A 764 17.24 24.79 -4.32
N GLY A 765 17.54 23.51 -4.14
CA GLY A 765 18.86 23.11 -3.67
C GLY A 765 19.31 21.75 -4.15
N TYR A 766 20.36 21.21 -3.52
CA TYR A 766 20.91 19.93 -3.93
C TYR A 766 20.86 18.97 -2.76
N ARG A 767 20.13 17.88 -2.92
CA ARG A 767 20.07 16.82 -1.91
C ARG A 767 21.08 15.75 -2.33
N SER A 768 22.19 15.69 -1.61
CA SER A 768 23.35 14.94 -2.08
C SER A 768 22.98 13.49 -2.39
N LEU A 769 23.21 13.10 -3.64
CA LEU A 769 22.93 11.74 -4.06
C LEU A 769 23.84 10.72 -3.36
N VAL A 770 25.02 11.13 -2.92
CA VAL A 770 25.94 10.25 -2.20
C VAL A 770 25.84 10.45 -0.71
N ALA A 771 25.87 11.71 -0.25
CA ALA A 771 25.60 12.03 1.15
C ALA A 771 24.09 12.13 1.33
N LYS A 772 23.44 10.97 1.29
CA LYS A 772 21.99 10.92 1.11
C LYS A 772 21.25 11.71 2.18
N ASP A 773 21.83 11.86 3.37
CA ASP A 773 21.13 12.51 4.47
C ASP A 773 21.32 14.02 4.49
N THR A 774 22.39 14.54 3.90
CA THR A 774 22.69 15.96 3.94
C THR A 774 21.94 16.71 2.84
N PHE A 775 21.66 17.98 3.11
CA PHE A 775 21.09 18.90 2.13
C PHE A 775 21.92 20.17 2.10
N TYR A 776 21.89 20.86 0.97
CA TYR A 776 22.73 22.02 0.73
C TYR A 776 21.88 23.20 0.28
N PHE A 777 22.23 24.38 0.77
CA PHE A 777 21.59 25.63 0.37
C PHE A 777 22.57 26.78 0.56
N GLU A 778 22.24 27.91 -0.05
CA GLU A 778 23.06 29.12 0.04
C GLU A 778 22.20 30.27 0.58
N GLN A 779 22.76 31.01 1.54
CA GLN A 779 22.10 32.21 2.06
C GLN A 779 23.14 33.30 2.21
N ASP A 780 22.76 34.54 1.90
CA ASP A 780 23.67 35.68 2.00
C ASP A 780 24.96 35.39 1.25
N ARG A 781 24.83 34.84 0.05
CA ARG A 781 25.96 34.49 -0.81
C ARG A 781 26.95 33.57 -0.10
N LYS A 782 26.48 32.81 0.88
CA LYS A 782 27.30 31.84 1.59
C LYS A 782 26.63 30.47 1.52
N ILE A 783 27.45 29.43 1.38
CA ILE A 783 26.97 28.06 1.23
C ILE A 783 26.87 27.44 2.62
N HIS A 784 25.70 26.87 2.91
CA HIS A 784 25.40 26.28 4.20
C HIS A 784 24.83 24.88 4.00
N ARG A 785 25.17 23.96 4.92
CA ARG A 785 24.68 22.59 4.84
C ARG A 785 23.76 22.30 6.01
N ILE A 786 22.95 21.25 5.84
CA ILE A 786 21.89 20.92 6.78
C ILE A 786 21.50 19.46 6.53
N ASP A 787 20.91 18.82 7.53
CA ASP A 787 20.49 17.43 7.40
C ASP A 787 19.22 17.37 6.55
N ALA A 788 19.32 16.72 5.39
CA ALA A 788 18.23 16.75 4.43
C ALA A 788 16.93 16.27 5.06
N ASP A 789 17.01 15.34 5.99
CA ASP A 789 15.81 14.80 6.60
C ASP A 789 15.13 15.85 7.49
N VAL A 790 15.90 16.49 8.37
CA VAL A 790 15.36 17.57 9.18
C VAL A 790 14.95 18.73 8.28
N ASN A 791 15.74 19.00 7.26
CA ASN A 791 15.36 19.99 6.26
C ASN A 791 13.94 19.73 5.78
N ALA A 792 13.72 18.57 5.15
CA ALA A 792 12.40 18.21 4.68
C ALA A 792 11.36 18.42 5.77
N ALA A 793 11.53 17.76 6.92
CA ALA A 793 10.61 17.95 8.03
C ALA A 793 10.18 19.41 8.12
N ILE A 794 11.17 20.31 8.15
CA ILE A 794 10.85 21.73 8.16
C ILE A 794 9.97 22.07 6.97
N ASN A 795 10.46 21.86 5.74
CA ASN A 795 9.72 22.36 4.58
C ASN A 795 8.28 21.89 4.56
N ILE A 796 8.01 20.66 4.99
CA ILE A 796 6.61 20.23 5.10
C ILE A 796 5.88 21.07 6.15
N ALA A 797 6.51 21.31 7.30
CA ALA A 797 5.88 22.19 8.28
C ALA A 797 5.66 23.58 7.71
N ARG A 798 6.64 24.06 6.94
CA ARG A 798 6.57 25.38 6.31
C ARG A 798 5.39 25.46 5.36
N ARG A 799 5.20 24.43 4.53
CA ARG A 799 4.08 24.44 3.60
C ARG A 799 2.77 24.38 4.34
N PHE A 800 2.69 23.60 5.43
CA PHE A 800 1.47 23.58 6.22
C PHE A 800 1.21 24.96 6.82
N LEU A 801 2.27 25.61 7.29
CA LEU A 801 2.12 26.85 8.04
C LEU A 801 1.82 28.05 7.16
N THR A 802 2.40 28.09 5.96
CA THR A 802 2.35 29.25 5.08
C THR A 802 1.30 29.14 3.99
N ARG A 803 0.46 28.11 4.05
CA ARG A 803 -0.60 27.92 3.06
C ARG A 803 -0.03 27.88 1.64
N TYR A 804 1.11 27.21 1.49
CA TYR A 804 1.75 27.05 0.19
C TYR A 804 1.83 28.37 -0.56
N ARG A 805 2.57 29.30 0.03
CA ARG A 805 2.75 30.64 -0.51
C ARG A 805 3.90 30.72 -1.50
N SER A 806 4.72 29.68 -1.62
CA SER A 806 5.89 29.70 -2.49
C SER A 806 5.89 28.43 -3.35
N LEU A 807 5.32 28.53 -4.55
CA LEU A 807 5.45 27.44 -5.51
C LEU A 807 6.86 27.40 -6.08
N THR A 808 7.23 26.26 -6.64
CA THR A 808 8.52 26.13 -7.29
C THR A 808 8.49 25.36 -8.59
N GLN A 809 7.33 24.87 -9.04
CA GLN A 809 7.22 24.18 -10.32
C GLN A 809 5.97 24.67 -11.04
N LEU A 810 6.08 24.81 -12.36
CA LEU A 810 4.94 25.12 -13.21
C LEU A 810 5.10 24.43 -14.54
N TRP A 811 4.03 23.81 -15.03
CA TRP A 811 3.99 23.22 -16.36
C TRP A 811 3.28 24.17 -17.30
N ALA A 812 3.93 24.51 -18.41
CA ALA A 812 3.35 25.41 -19.40
C ALA A 812 3.55 24.83 -20.79
N SER A 813 2.59 25.11 -21.66
CA SER A 813 2.59 24.62 -23.03
C SER A 813 2.67 25.78 -24.01
N LEU A 814 2.96 25.46 -25.26
CA LEU A 814 3.04 26.44 -26.33
C LEU A 814 2.25 25.96 -27.54
N LEU A 815 1.63 26.91 -28.23
CA LEU A 815 0.92 26.66 -29.48
C LEU A 815 1.38 27.59 -30.60
N ASP A 816 1.71 28.83 -30.28
CA ASP A 816 2.05 29.82 -31.29
C ASP A 816 2.63 31.04 -30.60
N ASP A 817 3.26 31.91 -31.39
CA ASP A 817 3.77 33.20 -30.92
C ASP A 817 5.05 33.03 -30.11
N GLY A 818 5.48 31.80 -29.86
CA GLY A 818 6.74 31.55 -29.20
C GLY A 818 6.76 31.74 -27.71
N ARG A 819 5.60 31.91 -27.08
CA ARG A 819 5.50 32.08 -25.63
C ARG A 819 4.48 31.11 -25.06
N TYR A 820 4.80 30.54 -23.90
CA TYR A 820 3.98 29.48 -23.33
C TYR A 820 2.82 30.05 -22.52
N LEU A 821 1.93 29.16 -22.11
CA LEU A 821 0.79 29.48 -21.26
C LEU A 821 0.80 28.56 -20.05
N VAL A 822 0.55 29.13 -18.87
CA VAL A 822 0.52 28.33 -17.64
C VAL A 822 -0.70 27.41 -17.66
N ASN A 823 -0.61 26.35 -16.86
CA ASN A 823 -1.68 25.36 -16.74
C ASN A 823 -2.43 25.55 -15.43
N VAL A 824 -3.61 24.93 -15.35
CA VAL A 824 -4.51 25.10 -14.22
C VAL A 824 -5.03 23.72 -13.83
N THR A 825 -4.43 23.14 -12.77
CA THR A 825 -4.85 21.84 -12.26
C THR A 825 -5.36 21.91 -10.84
N ARG A 826 -4.57 22.49 -9.92
CA ARG A 826 -4.92 22.56 -8.51
C ARG A 826 -5.06 24.01 -8.06
N GLN A 827 -6.13 24.27 -7.30
CA GLN A 827 -6.45 25.63 -6.89
C GLN A 827 -5.23 26.38 -6.35
N HIS A 828 -4.29 25.67 -5.73
CA HIS A 828 -3.11 26.32 -5.20
C HIS A 828 -2.31 26.98 -6.31
N GLU A 829 -2.18 26.30 -7.45
CA GLU A 829 -1.51 26.90 -8.60
C GLU A 829 -2.23 28.16 -9.05
N ARG A 830 -3.57 28.12 -9.10
CA ARG A 830 -4.32 29.29 -9.50
C ARG A 830 -4.10 30.46 -8.54
N ALA A 831 -3.95 30.17 -7.24
CA ALA A 831 -3.72 31.24 -6.28
C ALA A 831 -2.30 31.78 -6.37
N TYR A 832 -1.33 30.94 -6.76
CA TYR A 832 0.05 31.39 -6.81
C TYR A 832 0.20 32.58 -7.75
N LEU A 833 -0.32 32.45 -8.98
CA LEU A 833 -0.23 33.56 -9.92
C LEU A 833 -0.93 34.80 -9.38
N GLU A 834 -2.14 34.63 -8.85
CA GLU A 834 -2.88 35.76 -8.30
C GLU A 834 -2.11 36.47 -7.20
N LEU A 835 -1.23 35.77 -6.50
CA LEU A 835 -0.39 36.41 -5.50
C LEU A 835 0.89 37.01 -6.06
N GLN A 836 1.49 36.40 -7.09
CA GLN A 836 2.75 36.87 -7.63
C GLN A 836 2.59 37.68 -8.90
N THR A 837 1.59 37.36 -9.73
CA THR A 837 1.42 38.06 -11.00
C THR A 837 0.22 38.99 -11.00
N GLY A 838 -0.88 38.61 -10.36
CA GLY A 838 -2.06 39.45 -10.27
C GLY A 838 -3.18 39.08 -11.22
N ALA A 839 -3.06 37.99 -11.96
CA ALA A 839 -4.10 37.54 -12.87
C ALA A 839 -4.28 36.04 -12.71
N PRO A 840 -5.49 35.53 -12.93
CA PRO A 840 -5.72 34.08 -12.76
C PRO A 840 -4.95 33.22 -13.74
N ALA A 841 -4.27 33.82 -14.72
CA ALA A 841 -3.43 33.08 -15.65
C ALA A 841 -2.33 34.00 -16.12
N ALA A 842 -1.28 33.40 -16.69
CA ALA A 842 -0.13 34.17 -17.13
C ALA A 842 0.58 33.39 -18.24
N THR A 843 1.59 34.06 -18.79
CA THR A 843 2.37 33.44 -19.84
C THR A 843 3.84 33.52 -19.46
N LEU A 844 4.64 32.63 -20.02
CA LEU A 844 6.07 32.62 -19.78
C LEU A 844 6.75 33.42 -20.88
N ASN A 845 6.76 34.74 -20.69
CA ASN A 845 7.46 35.61 -21.62
C ASN A 845 8.98 35.48 -21.40
N PRO A 846 9.77 35.83 -22.40
CA PRO A 846 11.22 35.68 -22.27
C PRO A 846 11.87 36.90 -21.63
N THR A 847 13.16 36.75 -21.33
CA THR A 847 14.00 37.85 -20.87
C THR A 847 15.43 37.57 -21.29
N ALA A 848 16.25 38.63 -21.29
CA ALA A 848 17.59 38.54 -21.84
C ALA A 848 18.37 37.38 -21.26
N GLU A 849 18.27 37.16 -19.96
CA GLU A 849 19.13 36.18 -19.30
C GLU A 849 18.58 34.77 -19.43
N ALA A 850 18.26 34.36 -20.65
CA ALA A 850 17.82 33.00 -20.95
C ALA A 850 16.88 32.47 -19.86
N SER A 851 15.82 33.23 -19.60
CA SER A 851 14.89 32.91 -18.53
C SER A 851 13.55 33.57 -18.84
N TYR A 852 12.56 33.26 -18.02
CA TYR A 852 11.18 33.66 -18.27
C TYR A 852 10.65 34.51 -17.12
N GLU A 853 9.41 34.96 -17.27
CA GLU A 853 8.67 35.59 -16.18
C GLU A 853 7.18 35.40 -16.46
N LEU A 854 6.35 36.01 -15.63
CA LEU A 854 4.91 35.85 -15.70
C LEU A 854 4.28 37.23 -15.80
N VAL A 855 3.53 37.47 -16.88
CA VAL A 855 3.01 38.80 -17.16
C VAL A 855 1.51 38.76 -17.45
N GLY A 856 0.84 37.70 -17.00
CA GLY A 856 -0.61 37.65 -17.08
C GLY A 856 -1.13 37.37 -18.48
N LEU A 857 -2.45 37.38 -18.59
CA LEU A 857 -3.13 37.17 -19.87
C LEU A 857 -4.42 37.98 -19.88
N SER A 858 -5.07 38.01 -21.04
CA SER A 858 -6.33 38.69 -21.25
C SER A 858 -7.19 37.84 -22.17
N PRO A 859 -8.52 38.03 -22.15
CA PRO A 859 -9.42 37.25 -22.99
C PRO A 859 -8.98 37.20 -24.45
N ARG A 874 3.23 21.48 -22.56
CA ARG A 874 3.24 21.43 -21.11
C ARG A 874 4.64 21.11 -20.60
N GLU A 875 5.58 22.02 -20.87
CA GLU A 875 6.98 21.82 -20.55
C GLU A 875 7.28 22.25 -19.11
N PRO A 876 8.34 21.71 -18.50
CA PRO A 876 8.67 22.08 -17.12
C PRO A 876 9.11 23.53 -17.00
N PHE A 877 8.78 24.15 -15.86
CA PHE A 877 9.22 25.49 -15.52
C PHE A 877 9.28 25.61 -14.01
N TYR A 878 10.41 26.09 -13.50
CA TYR A 878 10.70 26.09 -12.07
C TYR A 878 11.16 27.47 -11.62
N ARG A 879 10.76 27.87 -10.41
CA ARG A 879 10.80 29.28 -10.02
C ARG A 879 12.22 29.83 -10.06
N HIS A 880 13.16 29.16 -9.39
CA HIS A 880 14.42 29.82 -9.04
C HIS A 880 14.09 31.17 -8.40
N GLU A 881 14.82 32.22 -8.76
CA GLU A 881 14.59 33.54 -8.18
C GLU A 881 13.35 34.22 -8.70
N GLY A 882 12.60 33.57 -9.60
CA GLY A 882 11.54 34.21 -10.34
C GLY A 882 11.85 34.41 -11.81
N VAL A 883 13.08 34.12 -12.23
CA VAL A 883 13.43 34.14 -13.64
C VAL A 883 12.92 32.89 -14.36
N TRP A 884 12.62 31.83 -13.61
CA TRP A 884 11.89 30.67 -14.14
C TRP A 884 12.68 29.93 -15.21
N LEU A 885 13.91 29.57 -14.88
CA LEU A 885 14.69 28.70 -15.75
C LEU A 885 13.93 27.39 -15.99
N THR A 886 13.69 27.07 -17.25
CA THR A 886 12.89 25.91 -17.59
C THR A 886 13.72 24.63 -17.42
N ARG A 887 13.14 23.51 -17.84
CA ARG A 887 13.71 22.19 -17.58
C ARG A 887 15.22 22.17 -17.79
N GLU A 888 15.67 22.51 -19.00
CA GLU A 888 17.08 22.41 -19.33
C GLU A 888 17.92 23.34 -18.45
N LYS A 889 17.55 24.62 -18.40
CA LYS A 889 18.35 25.57 -17.63
C LYS A 889 18.17 25.35 -16.13
N HIS A 890 17.00 24.90 -15.70
CA HIS A 890 16.83 24.48 -14.31
C HIS A 890 17.84 23.40 -13.95
N ARG A 891 17.91 22.34 -14.76
CA ARG A 891 18.86 21.28 -14.51
C ARG A 891 20.28 21.82 -14.53
N GLN A 893 21.37 24.85 -13.83
CA GLN A 893 21.70 25.70 -12.70
C GLN A 893 21.82 24.89 -11.41
N VAL A 894 20.91 23.95 -11.18
CA VAL A 894 21.05 23.12 -9.99
C VAL A 894 22.29 22.23 -10.08
N HIS A 895 22.67 21.82 -11.29
CA HIS A 895 23.90 21.05 -11.44
C HIS A 895 25.13 21.93 -11.18
N GLU A 896 25.07 23.21 -11.58
CA GLU A 896 26.14 24.13 -11.24
C GLU A 896 26.22 24.32 -9.73
N LEU A 897 25.07 24.41 -9.07
CA LEU A 897 25.07 24.47 -7.61
C LEU A 897 25.72 23.22 -7.03
N ARG A 898 25.40 22.06 -7.59
CA ARG A 898 26.02 20.82 -7.13
C ARG A 898 27.54 20.88 -7.30
N ASN A 899 27.99 21.34 -8.46
CA ASN A 899 29.42 21.42 -8.72
C ASN A 899 30.10 22.36 -7.73
N GLN A 900 29.49 23.51 -7.47
CA GLN A 900 30.06 24.47 -6.54
C GLN A 900 30.13 23.89 -5.12
N VAL A 901 29.01 23.34 -4.65
CA VAL A 901 28.96 22.84 -3.28
C VAL A 901 29.86 21.65 -3.09
N LEU A 902 30.09 20.86 -4.15
CA LEU A 902 31.07 19.77 -4.06
C LEU A 902 32.49 20.31 -4.08
N ALA A 903 32.75 21.32 -4.92
CA ALA A 903 34.10 21.83 -5.05
C ALA A 903 34.57 22.52 -3.78
N LEU A 904 33.65 23.16 -3.05
CA LEU A 904 34.06 23.90 -1.86
C LEU A 904 34.30 23.00 -0.66
N GLY A 905 33.91 21.73 -0.72
CA GLY A 905 34.15 20.82 0.39
C GLY A 905 33.06 20.87 1.45
N ASN A 906 32.49 19.70 1.78
CA ASN A 906 31.42 19.67 2.77
C ASN A 906 31.93 20.08 4.14
N ALA A 907 33.13 19.64 4.52
CA ALA A 907 33.65 19.92 5.85
C ALA A 907 33.71 21.41 6.13
N LYS A 908 33.89 22.22 5.08
CA LYS A 908 33.96 23.67 5.25
C LYS A 908 32.60 24.32 5.44
N ILE A 909 31.51 23.59 5.23
CA ILE A 909 30.19 24.21 5.16
C ILE A 909 29.59 24.31 6.55
N PRO A 910 28.84 25.37 6.85
CA PRO A 910 28.12 25.43 8.13
C PRO A 910 27.03 24.36 8.21
N GLU A 911 27.05 23.61 9.31
CA GLU A 911 25.97 22.71 9.67
C GLU A 911 25.17 23.35 10.80
N ILE A 912 23.86 23.42 10.63
CA ILE A 912 23.02 24.18 11.57
C ILE A 912 22.22 23.20 12.43
N ARG A 913 21.46 23.76 13.39
CA ARG A 913 20.76 22.96 14.37
C ARG A 913 20.09 21.75 13.73
N THR A 914 20.29 20.59 14.35
CA THR A 914 19.74 19.34 13.83
C THR A 914 19.30 18.44 14.98
#